data_2WHR
#
_entry.id   2WHR
#
_cell.length_a   78.320
_cell.length_b   111.410
_cell.length_c   226.850
_cell.angle_alpha   90.00
_cell.angle_beta   90.00
_cell.angle_gamma   90.00
#
_symmetry.space_group_name_H-M   'P 21 21 21'
#
loop_
_entity.id
_entity.type
_entity.pdbx_description
1 polymer ACETYLCHOLINESTERASE
2 non-polymer 4-carbamoyl-1-(3-{4-[(E)-(hydroxyimino)methyl]pyridinium-1-yl}propyl)pyridinium
3 non-polymer 2-acetamido-2-deoxy-beta-D-glucopyranose
4 non-polymer 'BROMIDE ION'
5 non-polymer 1-ETHOXY-2-(2-ETHOXYETHOXY)ETHANE
6 non-polymer 'CARBONATE ION'
7 non-polymer DI(HYDROXYETHYL)ETHER
8 non-polymer 2-{2-[2-(2-{2-[2-(2-ETHOXY-ETHOXY)-ETHOXY]-ETHOXY}-ETHOXY)-ETHOXY]-ETHOXY}-ETHANOL
9 water water
#
_entity_poly.entity_id   1
_entity_poly.type   'polypeptide(L)'
_entity_poly.pdbx_seq_one_letter_code
;EGREDPQLLVRVRGGQLRGIRLKAPGGPVSAFLGIPFAEPPVGSRRFMPPEPKRPWSGVLDATTFQNVCYQYVDTLYPGF
EGTEMWNPNRELSEDCLYLNVWTPYPRPASPTPVLIWIYGGGFYSGAASLDVYDGRFLAQVEGAVLVSMNYRVGTFGFLA
LPGSREAPGNVGLLDQRLALQWVQENIAAFGGDPMSVTLFGESAGAASVGMHILSLPSRSLFHRAVLQSGTPNGPWATVS
AGEARRRATLLARLVGCPPGGAGGNDTELIACLRTRPAQDLVDHEWHVLPQESIFRFSFVPVVDGDFLSDTPEALINTGD
FQDLQVLVGVVKDEGSYFLVYGVPGFSKDNESLISRAQFLAGVRIGVPQASDLAAEAVVLHYTDWLHPEDPTHLRDAMSA
VVGDHNVVCPVAQLAGRLAAQGARVYAYIFEHRASTLTWPLWMGVPHGYEIEFIFGLPLDPSLNYTTEERIFAQRLMKYW
TNFARTGDPNDPRDSKSPQWPPYTTAAQQYVSLNLKPLEVRRGLRAQTCAFWNRFLPKLLSATATEAP
;
_entity_poly.pdbx_strand_id   A,B
#
loop_
_chem_comp.id
_chem_comp.type
_chem_comp.name
_chem_comp.formula
BR non-polymer 'BROMIDE ION' 'Br -1'
CO3 non-polymer 'CARBONATE ION' 'C O3 -2'
K27 non-polymer 4-carbamoyl-1-(3-{4-[(E)-(hydroxyimino)methyl]pyridinium-1-yl}propyl)pyridinium 'C15 H18 N4 O2 2'
NAG D-saccharide, beta linking 2-acetamido-2-deoxy-beta-D-glucopyranose 'C8 H15 N O6'
P4G non-polymer 1-ETHOXY-2-(2-ETHOXYETHOXY)ETHANE 'C8 H18 O3'
PE4 non-polymer 2-{2-[2-(2-{2-[2-(2-ETHOXY-ETHOXY)-ETHOXY]-ETHOXY}-ETHOXY)-ETHOXY]-ETHOXY}-ETHANOL 'C16 H34 O8'
PEG non-polymer DI(HYDROXYETHYL)ETHER 'C4 H10 O3'
#
# COMPACT_ATOMS: atom_id res chain seq x y z
N GLU A 1 -33.59 31.11 -50.77
CA GLU A 1 -33.04 32.26 -50.05
C GLU A 1 -33.47 33.55 -50.72
N GLY A 2 -33.16 34.67 -50.07
CA GLY A 2 -33.55 35.98 -50.57
C GLY A 2 -34.15 36.80 -49.46
N ARG A 3 -35.06 36.19 -48.72
CA ARG A 3 -35.70 36.83 -47.56
C ARG A 3 -35.14 36.32 -46.24
N GLU A 4 -34.07 35.52 -46.31
CA GLU A 4 -33.52 34.86 -45.13
C GLU A 4 -32.38 35.66 -44.51
N ASP A 5 -31.94 35.22 -43.33
CA ASP A 5 -30.77 35.82 -42.70
C ASP A 5 -29.54 35.46 -43.51
N PRO A 6 -28.91 36.46 -44.11
CA PRO A 6 -27.74 36.30 -44.97
C PRO A 6 -26.53 35.78 -44.21
N GLN A 7 -26.57 35.84 -42.89
CA GLN A 7 -25.43 35.43 -42.07
C GLN A 7 -25.47 33.93 -41.77
N LEU A 8 -26.52 33.24 -42.21
CA LEU A 8 -26.72 31.84 -41.85
C LEU A 8 -26.68 30.90 -43.04
N LEU A 9 -26.30 31.42 -44.20
CA LEU A 9 -26.19 30.58 -45.38
C LEU A 9 -24.73 30.27 -45.63
N VAL A 10 -24.42 28.98 -45.72
CA VAL A 10 -23.05 28.54 -45.86
C VAL A 10 -22.99 27.32 -46.78
N ARG A 11 -21.91 27.22 -47.56
CA ARG A 11 -21.74 26.05 -48.40
C ARG A 11 -20.61 25.17 -47.89
N VAL A 12 -20.82 23.86 -47.93
CA VAL A 12 -19.79 22.88 -47.65
C VAL A 12 -19.64 21.94 -48.84
N ARG A 13 -18.65 21.06 -48.77
CA ARG A 13 -18.35 20.14 -49.87
C ARG A 13 -19.58 19.41 -50.41
N GLY A 14 -20.55 19.15 -49.54
CA GLY A 14 -21.73 18.41 -49.94
C GLY A 14 -22.89 19.26 -50.43
N GLY A 15 -22.82 20.57 -50.20
CA GLY A 15 -23.90 21.45 -50.63
C GLY A 15 -24.14 22.64 -49.73
N GLN A 16 -25.30 23.27 -49.89
CA GLN A 16 -25.66 24.47 -49.14
C GLN A 16 -26.39 24.18 -47.81
N LEU A 17 -26.12 24.99 -46.81
CA LEU A 17 -26.72 24.84 -45.49
C LEU A 17 -27.38 26.12 -45.01
N ARG A 18 -28.52 25.97 -44.34
CA ARG A 18 -29.10 27.09 -43.63
C ARG A 18 -29.06 26.83 -42.13
N GLY A 19 -28.28 27.62 -41.40
CA GLY A 19 -28.16 27.50 -39.97
C GLY A 19 -29.16 28.38 -39.24
N ILE A 20 -28.99 28.51 -37.93
CA ILE A 20 -29.93 29.24 -37.10
C ILE A 20 -29.24 30.16 -36.10
N ARG A 21 -29.83 31.32 -35.87
CA ARG A 21 -29.32 32.29 -34.91
C ARG A 21 -29.86 31.93 -33.52
N LEU A 22 -28.97 31.54 -32.62
CA LEU A 22 -29.36 31.15 -31.27
C LEU A 22 -29.04 32.24 -30.26
N LYS A 23 -29.84 32.32 -29.21
CA LYS A 23 -29.60 33.29 -28.14
C LYS A 23 -28.80 32.67 -26.99
N ALA A 24 -27.60 33.19 -26.79
CA ALA A 24 -26.82 32.86 -25.59
C ALA A 24 -26.95 34.04 -24.63
N PRO A 25 -26.67 33.81 -23.34
CA PRO A 25 -26.89 34.87 -22.34
C PRO A 25 -26.27 36.21 -22.74
N GLY A 26 -25.13 36.19 -23.41
CA GLY A 26 -24.45 37.43 -23.77
C GLY A 26 -24.60 37.86 -25.21
N GLY A 27 -25.48 37.18 -25.96
CA GLY A 27 -25.68 37.51 -27.35
C GLY A 27 -25.87 36.32 -28.26
N PRO A 28 -26.03 36.58 -29.57
CA PRO A 28 -26.37 35.55 -30.56
C PRO A 28 -25.16 34.68 -30.95
N VAL A 29 -25.43 33.43 -31.29
CA VAL A 29 -24.42 32.58 -31.89
C VAL A 29 -25.02 31.94 -33.14
N SER A 30 -24.15 31.52 -34.06
CA SER A 30 -24.61 30.80 -35.24
C SER A 30 -24.58 29.31 -34.95
N ALA A 31 -25.67 28.61 -35.23
CA ALA A 31 -25.69 27.17 -35.05
C ALA A 31 -26.03 26.46 -36.35
N PHE A 32 -25.22 25.48 -36.70
CA PHE A 32 -25.49 24.61 -37.84
C PHE A 32 -25.63 23.18 -37.35
N LEU A 33 -26.88 22.72 -37.25
CA LEU A 33 -27.18 21.47 -36.58
C LEU A 33 -27.69 20.41 -37.54
N GLY A 34 -27.23 19.19 -37.35
CA GLY A 34 -27.68 18.06 -38.15
C GLY A 34 -27.13 18.04 -39.56
N ILE A 35 -25.86 18.42 -39.70
CA ILE A 35 -25.15 18.33 -40.96
C ILE A 35 -24.66 16.90 -41.20
N PRO A 36 -25.05 16.30 -42.33
CA PRO A 36 -24.66 14.92 -42.65
C PRO A 36 -23.22 14.86 -43.09
N PHE A 37 -22.43 13.96 -42.53
CA PHE A 37 -21.04 13.81 -42.95
C PHE A 37 -20.74 12.43 -43.54
N ALA A 38 -21.73 11.56 -43.55
CA ALA A 38 -21.57 10.22 -44.08
C ALA A 38 -22.88 9.75 -44.69
N GLU A 39 -22.79 8.76 -45.57
CA GLU A 39 -23.99 8.09 -46.03
C GLU A 39 -24.58 7.33 -44.84
N PRO A 40 -25.91 7.34 -44.72
CA PRO A 40 -26.54 6.59 -43.64
C PRO A 40 -26.04 5.15 -43.58
N PRO A 41 -25.49 4.73 -42.43
CA PRO A 41 -24.92 3.40 -42.27
C PRO A 41 -26.02 2.38 -42.04
N VAL A 42 -26.97 2.29 -42.95
CA VAL A 42 -28.14 1.44 -42.75
C VAL A 42 -28.17 0.29 -43.76
N GLY A 43 -29.02 -0.70 -43.50
CA GLY A 43 -29.15 -1.85 -44.37
C GLY A 43 -27.85 -2.63 -44.52
N SER A 44 -27.44 -2.82 -45.78
CA SER A 44 -26.21 -3.56 -46.06
C SER A 44 -24.98 -2.84 -45.54
N ARG A 45 -25.16 -1.59 -45.10
CA ARG A 45 -24.03 -0.82 -44.60
C ARG A 45 -23.84 -0.93 -43.09
N ARG A 46 -24.76 -1.61 -42.42
CA ARG A 46 -24.62 -1.84 -40.98
C ARG A 46 -23.32 -2.59 -40.70
N PHE A 47 -22.62 -2.17 -39.64
CA PHE A 47 -21.32 -2.74 -39.24
C PHE A 47 -20.18 -2.33 -40.16
N MET A 48 -20.52 -1.67 -41.27
CA MET A 48 -19.52 -1.27 -42.25
C MET A 48 -18.90 0.09 -41.96
N PRO A 49 -17.64 0.29 -42.39
CA PRO A 49 -17.03 1.62 -42.29
C PRO A 49 -17.92 2.65 -42.96
N PRO A 50 -17.88 3.89 -42.48
CA PRO A 50 -18.72 4.94 -43.06
C PRO A 50 -18.20 5.42 -44.41
N GLU A 51 -19.12 5.68 -45.33
CA GLU A 51 -18.77 6.27 -46.60
C GLU A 51 -19.13 7.75 -46.57
N PRO A 52 -18.28 8.60 -47.15
CA PRO A 52 -18.53 10.04 -47.20
C PRO A 52 -19.93 10.36 -47.74
N LYS A 53 -20.56 11.39 -47.18
CA LYS A 53 -21.90 11.79 -47.59
C LYS A 53 -21.89 12.27 -49.03
N ARG A 54 -22.79 11.71 -49.83
CA ARG A 54 -22.95 12.13 -51.21
C ARG A 54 -23.67 13.47 -51.26
N PRO A 55 -23.15 14.42 -52.06
CA PRO A 55 -23.68 15.78 -52.16
C PRO A 55 -25.19 15.82 -52.36
N TRP A 56 -25.83 16.85 -51.82
CA TRP A 56 -27.26 17.01 -51.93
C TRP A 56 -27.63 18.23 -52.78
N SER A 57 -28.86 18.25 -53.26
CA SER A 57 -29.34 19.38 -54.04
C SER A 57 -30.04 20.38 -53.13
N GLY A 58 -29.98 21.66 -53.50
CA GLY A 58 -30.70 22.67 -52.76
C GLY A 58 -30.08 22.98 -51.42
N VAL A 59 -30.87 23.60 -50.56
CA VAL A 59 -30.36 24.08 -49.29
C VAL A 59 -30.79 23.17 -48.16
N LEU A 60 -29.81 22.46 -47.58
CA LEU A 60 -30.07 21.58 -46.47
C LEU A 60 -30.35 22.41 -45.22
N ASP A 61 -31.52 22.19 -44.61
CA ASP A 61 -31.83 22.88 -43.37
C ASP A 61 -31.02 22.29 -42.21
N ALA A 62 -30.32 23.16 -41.50
CA ALA A 62 -29.46 22.74 -40.39
C ALA A 62 -29.83 23.52 -39.13
N THR A 63 -31.11 23.48 -38.77
CA THR A 63 -31.60 24.30 -37.67
C THR A 63 -32.03 23.47 -36.46
N THR A 64 -31.96 22.15 -36.61
CA THR A 64 -32.33 21.25 -35.51
C THR A 64 -31.40 20.05 -35.42
N PHE A 65 -31.23 19.55 -34.21
CA PHE A 65 -30.44 18.35 -34.00
C PHE A 65 -31.04 17.18 -34.77
N GLN A 66 -30.18 16.29 -35.24
CA GLN A 66 -30.60 15.12 -35.97
C GLN A 66 -30.77 13.90 -35.08
N ASN A 67 -31.07 12.76 -35.71
CA ASN A 67 -31.29 11.52 -34.99
C ASN A 67 -30.13 11.16 -34.06
N VAL A 68 -30.46 10.50 -32.97
CA VAL A 68 -29.44 9.93 -32.11
C VAL A 68 -29.17 8.50 -32.57
N CYS A 69 -27.90 8.11 -32.59
CA CYS A 69 -27.55 6.76 -33.04
C CYS A 69 -28.23 5.73 -32.17
N TYR A 70 -28.76 4.68 -32.82
CA TYR A 70 -29.52 3.67 -32.11
C TYR A 70 -28.78 3.13 -30.88
N GLN A 71 -29.44 3.18 -29.74
CA GLN A 71 -28.79 2.80 -28.50
C GLN A 71 -29.77 2.38 -27.41
N TYR A 72 -29.22 1.65 -26.44
CA TYR A 72 -29.91 1.30 -25.21
C TYR A 72 -30.24 2.54 -24.42
N VAL A 73 -31.39 2.53 -23.73
CA VAL A 73 -31.81 3.66 -22.92
C VAL A 73 -31.84 3.28 -21.45
N ASP A 74 -31.11 4.00 -20.62
CA ASP A 74 -31.03 3.68 -19.20
C ASP A 74 -32.41 3.70 -18.54
N THR A 75 -32.66 2.71 -17.67
CA THR A 75 -33.97 2.57 -17.04
C THR A 75 -33.88 2.40 -15.52
N LEU A 76 -32.68 2.54 -14.96
CA LEU A 76 -32.48 2.36 -13.53
C LEU A 76 -33.38 3.26 -12.70
N TYR A 77 -33.29 4.57 -12.93
CA TYR A 77 -34.11 5.53 -12.20
C TYR A 77 -34.98 6.35 -13.14
N PRO A 78 -36.09 5.76 -13.60
CA PRO A 78 -37.01 6.38 -14.57
C PRO A 78 -37.55 7.74 -14.09
N GLY A 79 -37.31 8.78 -14.87
CA GLY A 79 -37.82 10.11 -14.56
C GLY A 79 -36.87 10.99 -13.78
N PHE A 80 -35.83 10.38 -13.22
CA PHE A 80 -34.85 11.06 -12.38
C PHE A 80 -33.87 11.87 -13.24
N GLU A 81 -33.69 13.14 -12.92
CA GLU A 81 -32.92 14.05 -13.77
C GLU A 81 -31.46 13.62 -13.89
N GLY A 82 -30.93 13.02 -12.84
CA GLY A 82 -29.55 12.59 -12.82
C GLY A 82 -29.24 11.56 -13.89
N THR A 83 -30.24 10.77 -14.28
CA THR A 83 -30.05 9.78 -15.33
C THR A 83 -30.62 10.23 -16.67
N GLU A 84 -31.70 11.01 -16.65
CA GLU A 84 -32.35 11.44 -17.87
C GLU A 84 -31.50 12.39 -18.71
N MET A 85 -30.66 13.19 -18.07
CA MET A 85 -29.82 14.14 -18.80
C MET A 85 -28.93 13.46 -19.85
N TRP A 86 -28.60 12.19 -19.61
CA TRP A 86 -27.73 11.44 -20.51
C TRP A 86 -28.51 10.67 -21.57
N ASN A 87 -29.81 10.51 -21.37
CA ASN A 87 -30.61 9.73 -22.30
C ASN A 87 -30.83 10.46 -23.62
N PRO A 88 -31.11 9.71 -24.69
CA PRO A 88 -31.33 10.29 -26.01
C PRO A 88 -32.40 11.37 -25.97
N ASN A 89 -32.19 12.47 -26.70
CA ASN A 89 -33.16 13.56 -26.71
C ASN A 89 -33.69 13.80 -28.12
N ARG A 90 -33.39 12.89 -29.03
N ARG A 90 -33.39 12.89 -29.03
CA ARG A 90 -33.96 12.88 -30.36
CA ARG A 90 -33.94 12.90 -30.37
C ARG A 90 -34.29 11.45 -30.73
C ARG A 90 -34.28 11.46 -30.73
N GLU A 91 -35.00 11.27 -31.84
CA GLU A 91 -35.37 9.93 -32.27
C GLU A 91 -34.16 9.01 -32.48
N LEU A 92 -34.27 7.78 -32.00
CA LEU A 92 -33.25 6.77 -32.25
C LEU A 92 -33.33 6.29 -33.68
N SER A 93 -32.16 6.22 -34.34
CA SER A 93 -32.08 5.73 -35.71
C SER A 93 -30.66 5.31 -36.06
N GLU A 94 -30.56 4.36 -36.98
CA GLU A 94 -29.27 3.95 -37.49
C GLU A 94 -28.75 5.02 -38.43
N ASP A 95 -29.68 5.81 -38.98
CA ASP A 95 -29.35 6.96 -39.80
C ASP A 95 -29.09 8.12 -38.86
N CYS A 96 -27.85 8.26 -38.42
CA CYS A 96 -27.55 9.15 -37.31
C CYS A 96 -26.22 9.86 -37.44
N LEU A 97 -25.53 9.67 -38.56
CA LEU A 97 -24.21 10.24 -38.74
C LEU A 97 -24.27 11.71 -39.16
N TYR A 98 -24.48 12.57 -38.17
CA TYR A 98 -24.61 14.00 -38.40
C TYR A 98 -23.73 14.72 -37.41
N LEU A 99 -23.33 15.94 -37.74
CA LEU A 99 -22.50 16.72 -36.84
C LEU A 99 -23.03 18.15 -36.71
N ASN A 100 -22.54 18.86 -35.70
CA ASN A 100 -23.06 20.19 -35.38
C ASN A 100 -21.93 21.20 -35.25
N VAL A 101 -22.22 22.43 -35.67
CA VAL A 101 -21.26 23.52 -35.57
C VAL A 101 -21.87 24.75 -34.88
N TRP A 102 -21.18 25.26 -33.87
CA TRP A 102 -21.52 26.55 -33.29
C TRP A 102 -20.36 27.49 -33.57
N THR A 103 -20.68 28.75 -33.87
CA THR A 103 -19.67 29.77 -34.11
C THR A 103 -20.23 31.09 -33.63
N PRO A 104 -19.35 32.08 -33.39
CA PRO A 104 -19.82 33.43 -33.08
C PRO A 104 -20.80 33.91 -34.13
N TYR A 105 -21.58 34.93 -33.79
CA TYR A 105 -22.50 35.53 -34.74
C TYR A 105 -22.34 37.05 -34.75
N PRO A 106 -22.03 37.61 -35.92
CA PRO A 106 -21.76 36.89 -37.18
C PRO A 106 -20.51 36.05 -37.06
N ARG A 107 -20.24 35.22 -38.06
CA ARG A 107 -19.11 34.30 -38.02
C ARG A 107 -17.80 35.06 -37.94
N PRO A 108 -16.74 34.40 -37.45
CA PRO A 108 -15.40 34.98 -37.26
C PRO A 108 -14.79 35.57 -38.53
N ALA A 109 -14.02 36.63 -38.35
CA ALA A 109 -13.34 37.32 -39.45
C ALA A 109 -12.06 36.57 -39.84
N SER A 110 -11.21 36.30 -38.86
CA SER A 110 -9.99 35.54 -39.10
C SER A 110 -10.21 34.08 -38.72
N PRO A 111 -9.31 33.20 -39.17
CA PRO A 111 -9.37 31.78 -38.80
C PRO A 111 -9.41 31.59 -37.29
N THR A 112 -10.42 30.89 -36.81
CA THR A 112 -10.63 30.67 -35.39
C THR A 112 -10.29 29.23 -34.98
N PRO A 113 -9.58 29.06 -33.87
CA PRO A 113 -9.21 27.72 -33.38
C PRO A 113 -10.44 26.87 -33.10
N VAL A 114 -10.39 25.61 -33.49
CA VAL A 114 -11.57 24.74 -33.46
C VAL A 114 -11.53 23.72 -32.33
N LEU A 115 -12.67 23.57 -31.66
CA LEU A 115 -12.82 22.56 -30.62
C LEU A 115 -13.77 21.49 -31.12
N ILE A 116 -13.34 20.25 -31.09
CA ILE A 116 -14.22 19.14 -31.47
C ILE A 116 -14.53 18.26 -30.27
N TRP A 117 -15.82 18.21 -29.91
CA TRP A 117 -16.25 17.38 -28.79
C TRP A 117 -16.61 15.96 -29.24
N ILE A 118 -16.21 14.98 -28.43
CA ILE A 118 -16.60 13.59 -28.64
C ILE A 118 -17.22 13.06 -27.36
N TYR A 119 -18.52 12.80 -27.38
CA TYR A 119 -19.24 12.38 -26.19
C TYR A 119 -18.85 10.99 -25.66
N GLY A 120 -19.14 10.76 -24.38
CA GLY A 120 -18.94 9.46 -23.77
C GLY A 120 -20.25 8.70 -23.67
N GLY A 121 -20.24 7.60 -22.94
CA GLY A 121 -21.41 6.75 -22.82
C GLY A 121 -21.08 5.28 -23.01
N GLY A 122 -19.88 4.89 -22.55
CA GLY A 122 -19.46 3.51 -22.53
C GLY A 122 -19.45 2.85 -23.90
N PHE A 123 -19.37 3.66 -24.94
CA PHE A 123 -19.43 3.16 -26.32
C PHE A 123 -20.75 2.48 -26.69
N TYR A 124 -21.74 2.55 -25.81
CA TYR A 124 -23.07 1.99 -26.08
C TYR A 124 -24.14 3.08 -26.10
N SER A 125 -23.76 4.29 -25.74
CA SER A 125 -24.74 5.37 -25.68
C SER A 125 -24.08 6.72 -25.91
N GLY A 126 -24.89 7.78 -25.92
CA GLY A 126 -24.40 9.13 -26.08
C GLY A 126 -24.98 9.81 -27.30
N ALA A 127 -24.82 11.14 -27.35
CA ALA A 127 -25.35 11.94 -28.44
C ALA A 127 -24.76 13.34 -28.32
N ALA A 128 -24.52 14.00 -29.44
CA ALA A 128 -23.91 15.33 -29.41
C ALA A 128 -24.97 16.40 -29.24
N SER A 129 -26.23 15.97 -29.18
CA SER A 129 -27.34 16.89 -29.04
C SER A 129 -27.82 17.06 -27.58
N LEU A 130 -27.15 16.40 -26.65
CA LEU A 130 -27.51 16.53 -25.23
C LEU A 130 -27.30 17.97 -24.72
N ASP A 131 -28.12 18.37 -23.76
CA ASP A 131 -28.05 19.74 -23.24
C ASP A 131 -26.69 20.09 -22.66
N VAL A 132 -26.04 19.13 -22.01
CA VAL A 132 -24.74 19.40 -21.39
C VAL A 132 -23.61 19.58 -22.41
N TYR A 133 -23.89 19.31 -23.69
CA TYR A 133 -22.88 19.50 -24.72
C TYR A 133 -23.15 20.73 -25.58
N ASP A 134 -24.06 21.58 -25.11
CA ASP A 134 -24.46 22.78 -25.85
C ASP A 134 -23.29 23.73 -26.07
N GLY A 135 -22.91 23.93 -27.33
CA GLY A 135 -21.73 24.72 -27.64
C GLY A 135 -21.94 26.22 -27.75
N ARG A 136 -23.15 26.70 -27.49
CA ARG A 136 -23.44 28.13 -27.66
C ARG A 136 -22.60 29.04 -26.75
N PHE A 137 -22.31 28.57 -25.54
CA PHE A 137 -21.61 29.40 -24.54
C PHE A 137 -20.13 29.57 -24.86
N LEU A 138 -19.46 28.49 -25.25
CA LEU A 138 -18.06 28.57 -25.61
C LEU A 138 -17.91 29.40 -26.88
N ALA A 139 -18.92 29.32 -27.73
CA ALA A 139 -18.93 30.06 -28.99
C ALA A 139 -19.09 31.56 -28.72
N GLN A 140 -20.03 31.89 -27.85
CA GLN A 140 -20.40 33.28 -27.60
C GLN A 140 -19.39 33.98 -26.72
N VAL A 141 -19.01 33.32 -25.63
CA VAL A 141 -18.14 33.93 -24.64
C VAL A 141 -16.67 33.88 -25.06
N GLU A 142 -16.25 32.75 -25.63
CA GLU A 142 -14.85 32.58 -26.01
C GLU A 142 -14.61 32.77 -27.50
N GLY A 143 -15.68 33.01 -28.25
CA GLY A 143 -15.59 33.20 -29.68
C GLY A 143 -15.08 31.95 -30.37
N ALA A 144 -15.29 30.80 -29.74
CA ALA A 144 -14.78 29.54 -30.26
C ALA A 144 -15.63 28.98 -31.39
N VAL A 145 -14.99 28.19 -32.24
CA VAL A 145 -15.73 27.37 -33.19
C VAL A 145 -15.80 25.98 -32.58
N LEU A 146 -17.02 25.50 -32.36
CA LEU A 146 -17.20 24.22 -31.70
C LEU A 146 -17.96 23.22 -32.56
N VAL A 147 -17.43 22.00 -32.62
CA VAL A 147 -17.99 20.95 -33.47
C VAL A 147 -18.18 19.68 -32.68
N SER A 148 -19.37 19.08 -32.79
CA SER A 148 -19.61 17.78 -32.17
C SER A 148 -20.26 16.86 -33.19
N MET A 149 -19.88 15.58 -33.15
CA MET A 149 -20.43 14.62 -34.11
C MET A 149 -21.13 13.47 -33.41
N ASN A 150 -22.14 12.91 -34.06
CA ASN A 150 -22.67 11.63 -33.61
C ASN A 150 -21.80 10.54 -34.20
N TYR A 151 -21.57 9.49 -33.45
CA TYR A 151 -20.88 8.33 -33.98
C TYR A 151 -21.61 7.08 -33.51
N ARG A 152 -21.60 6.04 -34.33
CA ARG A 152 -22.32 4.81 -33.99
C ARG A 152 -21.82 4.19 -32.69
N VAL A 153 -22.76 3.79 -31.84
CA VAL A 153 -22.42 3.13 -30.59
C VAL A 153 -22.94 1.70 -30.54
N GLY A 154 -22.62 1.01 -29.46
CA GLY A 154 -23.03 -0.37 -29.29
C GLY A 154 -22.56 -1.28 -30.41
N THR A 155 -23.41 -2.23 -30.78
CA THR A 155 -23.08 -3.16 -31.84
C THR A 155 -22.88 -2.45 -33.17
N PHE A 156 -23.76 -1.50 -33.46
CA PHE A 156 -23.74 -0.78 -34.73
C PHE A 156 -22.40 -0.10 -34.96
N GLY A 157 -21.76 0.30 -33.87
CA GLY A 157 -20.51 1.02 -33.96
C GLY A 157 -19.28 0.19 -33.64
N PHE A 158 -19.46 -0.95 -32.97
CA PHE A 158 -18.30 -1.71 -32.46
C PHE A 158 -18.37 -3.24 -32.47
N LEU A 159 -19.45 -3.82 -32.96
CA LEU A 159 -19.46 -5.27 -33.12
C LEU A 159 -18.42 -5.65 -34.16
N ALA A 160 -17.58 -6.62 -33.83
CA ALA A 160 -16.50 -6.99 -34.72
C ALA A 160 -16.28 -8.50 -34.84
N LEU A 161 -16.14 -8.95 -36.08
CA LEU A 161 -15.55 -10.25 -36.34
C LEU A 161 -14.19 -9.94 -36.94
N PRO A 162 -13.18 -9.77 -36.07
CA PRO A 162 -11.88 -9.26 -36.49
C PRO A 162 -11.33 -10.03 -37.69
N GLY A 163 -10.89 -9.31 -38.71
CA GLY A 163 -10.37 -9.94 -39.91
C GLY A 163 -11.39 -10.01 -41.03
N SER A 164 -12.67 -10.00 -40.67
CA SER A 164 -13.73 -10.05 -41.68
C SER A 164 -13.83 -8.76 -42.49
N ARG A 165 -14.53 -8.84 -43.61
CA ARG A 165 -14.75 -7.68 -44.45
C ARG A 165 -16.04 -6.98 -44.05
N GLU A 166 -17.00 -7.76 -43.56
CA GLU A 166 -18.34 -7.29 -43.32
C GLU A 166 -18.55 -6.74 -41.91
N ALA A 167 -17.55 -6.90 -41.05
CA ALA A 167 -17.59 -6.36 -39.70
C ALA A 167 -16.19 -6.24 -39.12
N PRO A 168 -15.38 -5.35 -39.71
CA PRO A 168 -13.95 -5.15 -39.40
C PRO A 168 -13.71 -4.64 -38.00
N GLY A 169 -14.71 -3.95 -37.43
CA GLY A 169 -14.60 -3.40 -36.10
C GLY A 169 -14.22 -1.92 -36.09
N ASN A 170 -14.37 -1.29 -34.93
CA ASN A 170 -13.98 0.10 -34.75
C ASN A 170 -14.66 1.12 -35.67
N VAL A 171 -15.72 0.72 -36.37
CA VAL A 171 -16.34 1.63 -37.33
C VAL A 171 -16.89 2.89 -36.64
N GLY A 172 -17.24 2.77 -35.37
CA GLY A 172 -17.63 3.93 -34.58
C GLY A 172 -16.51 4.94 -34.49
N LEU A 173 -15.27 4.45 -34.36
CA LEU A 173 -14.10 5.31 -34.37
C LEU A 173 -13.87 5.90 -35.76
N LEU A 174 -14.16 5.11 -36.79
CA LEU A 174 -14.06 5.58 -38.17
C LEU A 174 -15.08 6.69 -38.45
N ASP A 175 -16.27 6.59 -37.85
CA ASP A 175 -17.25 7.66 -37.94
C ASP A 175 -16.61 8.95 -37.42
N GLN A 176 -16.00 8.85 -36.24
CA GLN A 176 -15.34 10.00 -35.64
C GLN A 176 -14.27 10.57 -36.57
N ARG A 177 -13.44 9.70 -37.14
CA ARG A 177 -12.36 10.15 -37.99
C ARG A 177 -12.89 10.86 -39.23
N LEU A 178 -13.97 10.31 -39.79
CA LEU A 178 -14.58 10.89 -40.98
C LEU A 178 -15.03 12.32 -40.70
N ALA A 179 -15.57 12.54 -39.51
CA ALA A 179 -16.01 13.88 -39.12
C ALA A 179 -14.80 14.80 -38.95
N LEU A 180 -13.70 14.27 -38.43
CA LEU A 180 -12.49 15.08 -38.30
C LEU A 180 -12.03 15.55 -39.67
N GLN A 181 -12.13 14.66 -40.65
CA GLN A 181 -11.73 14.99 -42.00
C GLN A 181 -12.68 16.03 -42.59
N TRP A 182 -13.97 15.85 -42.32
CA TRP A 182 -14.97 16.84 -42.69
C TRP A 182 -14.62 18.22 -42.13
N VAL A 183 -14.09 18.24 -40.91
CA VAL A 183 -13.73 19.52 -40.32
C VAL A 183 -12.53 20.11 -41.08
N GLN A 184 -11.58 19.26 -41.43
CA GLN A 184 -10.43 19.69 -42.21
C GLN A 184 -10.83 20.28 -43.55
N GLU A 185 -11.78 19.65 -44.24
CA GLU A 185 -12.19 20.13 -45.54
C GLU A 185 -13.09 21.36 -45.46
N ASN A 186 -13.95 21.42 -44.45
CA ASN A 186 -15.09 22.35 -44.48
C ASN A 186 -15.11 23.45 -43.42
N ILE A 187 -14.38 23.29 -42.32
CA ILE A 187 -14.54 24.20 -41.21
C ILE A 187 -14.18 25.65 -41.54
N ALA A 188 -13.31 25.84 -42.53
CA ALA A 188 -12.92 27.18 -42.96
C ALA A 188 -14.14 27.98 -43.44
N ALA A 189 -15.14 27.27 -43.96
CA ALA A 189 -16.34 27.91 -44.48
C ALA A 189 -17.12 28.62 -43.38
N PHE A 190 -16.81 28.29 -42.13
CA PHE A 190 -17.50 28.88 -40.98
C PHE A 190 -16.59 29.86 -40.26
N GLY A 191 -15.35 29.95 -40.70
CA GLY A 191 -14.38 30.82 -40.06
C GLY A 191 -13.50 30.04 -39.12
N GLY A 192 -13.57 28.71 -39.23
CA GLY A 192 -12.76 27.84 -38.42
C GLY A 192 -11.40 27.62 -39.04
N ASP A 193 -10.40 27.42 -38.19
CA ASP A 193 -9.01 27.22 -38.61
C ASP A 193 -8.65 25.74 -38.59
N PRO A 194 -8.56 25.13 -39.79
CA PRO A 194 -8.28 23.70 -39.87
C PRO A 194 -6.89 23.38 -39.30
N MET A 195 -6.07 24.40 -39.14
CA MET A 195 -4.70 24.21 -38.67
C MET A 195 -4.61 24.37 -37.15
N SER A 196 -5.76 24.61 -36.52
CA SER A 196 -5.83 24.65 -35.07
C SER A 196 -7.06 23.88 -34.57
N VAL A 197 -6.94 22.56 -34.55
CA VAL A 197 -8.03 21.69 -34.12
C VAL A 197 -7.68 20.96 -32.83
N THR A 198 -8.52 21.15 -31.82
CA THR A 198 -8.34 20.50 -30.53
C THR A 198 -9.48 19.53 -30.24
N LEU A 199 -9.16 18.26 -30.09
CA LEU A 199 -10.15 17.25 -29.69
C LEU A 199 -10.39 17.31 -28.19
N PHE A 200 -11.64 17.19 -27.77
CA PHE A 200 -11.92 16.93 -26.37
C PHE A 200 -13.13 16.04 -26.16
N GLY A 201 -13.06 15.20 -25.13
CA GLY A 201 -14.12 14.27 -24.83
C GLY A 201 -14.03 13.75 -23.40
N GLU A 202 -15.11 13.14 -22.93
CA GLU A 202 -15.15 12.65 -21.57
C GLU A 202 -15.53 11.17 -21.57
N SER A 203 -15.00 10.44 -20.59
CA SER A 203 -15.26 9.00 -20.47
C SER A 203 -14.85 8.26 -21.75
N ALA A 204 -15.82 7.63 -22.42
CA ALA A 204 -15.53 6.91 -23.65
C ALA A 204 -15.10 7.86 -24.76
N GLY A 205 -15.56 9.11 -24.67
CA GLY A 205 -15.15 10.15 -25.58
C GLY A 205 -13.67 10.46 -25.41
N ALA A 206 -13.24 10.56 -24.15
CA ALA A 206 -11.84 10.77 -23.83
C ALA A 206 -10.99 9.61 -24.37
N ALA A 207 -11.47 8.39 -24.16
CA ALA A 207 -10.76 7.22 -24.66
C ALA A 207 -10.69 7.29 -26.18
N SER A 208 -11.76 7.77 -26.79
CA SER A 208 -11.83 7.93 -28.24
C SER A 208 -10.74 8.88 -28.69
N VAL A 209 -10.64 10.01 -28.00
CA VAL A 209 -9.61 11.01 -28.26
C VAL A 209 -8.26 10.32 -28.16
N GLY A 210 -8.09 9.53 -27.11
CA GLY A 210 -6.85 8.83 -26.87
C GLY A 210 -6.49 7.92 -28.04
N MET A 211 -7.51 7.36 -28.68
CA MET A 211 -7.24 6.43 -29.75
C MET A 211 -6.87 7.10 -31.06
N HIS A 212 -7.37 8.32 -31.27
CA HIS A 212 -6.94 9.09 -32.41
C HIS A 212 -5.48 9.47 -32.26
N ILE A 213 -5.08 9.80 -31.04
CA ILE A 213 -3.68 10.03 -30.73
C ILE A 213 -2.85 8.81 -31.09
N LEU A 214 -3.37 7.63 -30.83
CA LEU A 214 -2.60 6.40 -31.04
C LEU A 214 -2.71 5.84 -32.45
N SER A 215 -3.55 6.46 -33.28
CA SER A 215 -3.78 5.94 -34.63
C SER A 215 -3.25 6.89 -35.71
N LEU A 216 -2.31 6.40 -36.51
CA LEU A 216 -1.57 7.23 -37.45
C LEU A 216 -2.44 8.06 -38.40
N PRO A 217 -3.43 7.43 -39.05
CA PRO A 217 -4.30 8.14 -39.99
C PRO A 217 -5.04 9.34 -39.36
N SER A 218 -5.09 9.41 -38.04
CA SER A 218 -5.75 10.52 -37.37
C SER A 218 -4.79 11.67 -37.08
N ARG A 219 -3.48 11.36 -37.08
CA ARG A 219 -2.46 12.35 -36.74
C ARG A 219 -2.67 13.69 -37.44
N SER A 220 -2.91 13.66 -38.75
CA SER A 220 -3.03 14.88 -39.52
C SER A 220 -4.35 15.61 -39.31
N LEU A 221 -5.21 15.08 -38.46
CA LEU A 221 -6.57 15.61 -38.34
C LEU A 221 -6.78 16.50 -37.12
N PHE A 222 -5.77 16.55 -36.25
CA PHE A 222 -5.88 17.36 -35.04
C PHE A 222 -4.50 17.76 -34.51
N HIS A 223 -4.46 18.71 -33.59
CA HIS A 223 -3.18 19.25 -33.13
C HIS A 223 -3.00 19.11 -31.61
N ARG A 224 -4.12 19.11 -30.89
CA ARG A 224 -4.10 19.06 -29.43
C ARG A 224 -5.26 18.24 -28.89
N ALA A 225 -5.10 17.72 -27.69
CA ALA A 225 -6.09 16.79 -27.15
C ALA A 225 -6.38 17.03 -25.68
N VAL A 226 -7.67 16.96 -25.32
CA VAL A 226 -8.09 16.92 -23.93
C VAL A 226 -8.80 15.61 -23.59
N LEU A 227 -8.33 14.93 -22.56
CA LEU A 227 -8.95 13.69 -22.12
C LEU A 227 -9.50 13.80 -20.71
N GLN A 228 -10.82 13.92 -20.61
CA GLN A 228 -11.50 14.07 -19.33
C GLN A 228 -12.07 12.74 -18.83
N SER A 229 -11.47 12.21 -17.76
CA SER A 229 -11.99 11.02 -17.10
C SER A 229 -12.09 9.81 -18.04
N GLY A 230 -11.07 9.59 -18.84
CA GLY A 230 -11.05 8.49 -19.78
C GLY A 230 -9.71 8.37 -20.48
N THR A 231 -9.38 7.16 -20.91
CA THR A 231 -8.09 6.87 -21.52
C THR A 231 -8.21 5.69 -22.46
N PRO A 232 -7.35 5.64 -23.50
CA PRO A 232 -7.40 4.50 -24.43
C PRO A 232 -6.93 3.24 -23.71
N ASN A 233 -5.97 3.41 -22.81
CA ASN A 233 -5.45 2.31 -22.01
C ASN A 233 -6.39 2.09 -20.82
N GLY A 234 -6.16 1.01 -20.08
CA GLY A 234 -7.03 0.67 -18.98
C GLY A 234 -7.89 -0.54 -19.27
N PRO A 235 -8.75 -0.91 -18.31
CA PRO A 235 -9.46 -2.19 -18.34
C PRO A 235 -10.74 -2.23 -19.18
N TRP A 236 -11.26 -1.08 -19.63
CA TRP A 236 -12.59 -1.06 -20.27
C TRP A 236 -12.64 -0.52 -21.71
N ALA A 237 -11.66 0.28 -22.10
CA ALA A 237 -11.75 1.00 -23.38
C ALA A 237 -11.54 0.13 -24.62
N THR A 238 -10.87 -1.01 -24.46
CA THR A 238 -10.66 -1.92 -25.58
C THR A 238 -10.86 -3.39 -25.22
N VAL A 239 -11.06 -4.22 -26.24
CA VAL A 239 -11.07 -5.66 -26.08
C VAL A 239 -10.15 -6.27 -27.12
N SER A 240 -9.60 -7.44 -26.81
CA SER A 240 -8.78 -8.17 -27.76
C SER A 240 -9.65 -8.58 -28.96
N ALA A 241 -9.00 -8.99 -30.05
CA ALA A 241 -9.73 -9.49 -31.19
C ALA A 241 -10.49 -10.76 -30.79
N GLY A 242 -9.85 -11.59 -29.98
CA GLY A 242 -10.47 -12.82 -29.54
C GLY A 242 -11.73 -12.58 -28.75
N GLU A 243 -11.67 -11.65 -27.81
CA GLU A 243 -12.82 -11.35 -26.96
C GLU A 243 -13.95 -10.70 -27.76
N ALA A 244 -13.60 -9.89 -28.74
CA ALA A 244 -14.61 -9.27 -29.60
C ALA A 244 -15.31 -10.32 -30.46
N ARG A 245 -14.53 -11.23 -31.03
CA ARG A 245 -15.09 -12.32 -31.81
C ARG A 245 -16.03 -13.14 -30.94
N ARG A 246 -15.60 -13.42 -29.72
CA ARG A 246 -16.40 -14.17 -28.78
C ARG A 246 -17.74 -13.45 -28.50
N ARG A 247 -17.67 -12.16 -28.25
CA ARG A 247 -18.89 -11.40 -27.94
C ARG A 247 -19.83 -11.28 -29.13
N ALA A 248 -19.28 -11.10 -30.32
CA ALA A 248 -20.10 -10.96 -31.53
C ALA A 248 -20.85 -12.27 -31.83
N THR A 249 -20.17 -13.40 -31.72
CA THR A 249 -20.80 -14.68 -32.02
C THR A 249 -21.87 -14.99 -30.97
N LEU A 250 -21.59 -14.67 -29.71
CA LEU A 250 -22.58 -14.87 -28.65
C LEU A 250 -23.82 -14.01 -28.91
N LEU A 251 -23.62 -12.76 -29.30
CA LEU A 251 -24.75 -11.88 -29.56
C LEU A 251 -25.55 -12.44 -30.72
N ALA A 252 -24.83 -12.85 -31.76
CA ALA A 252 -25.45 -13.50 -32.90
C ALA A 252 -26.36 -14.66 -32.44
N ARG A 253 -25.80 -15.59 -31.65
CA ARG A 253 -26.60 -16.69 -31.12
C ARG A 253 -27.87 -16.21 -30.40
N LEU A 254 -27.71 -15.22 -29.53
CA LEU A 254 -28.84 -14.71 -28.74
C LEU A 254 -29.96 -14.14 -29.60
N VAL A 255 -29.66 -13.87 -30.87
CA VAL A 255 -30.68 -13.38 -31.79
C VAL A 255 -30.90 -14.34 -32.96
N GLY A 256 -30.46 -15.58 -32.79
CA GLY A 256 -30.70 -16.64 -33.76
C GLY A 256 -29.90 -16.55 -35.05
N CYS A 257 -28.60 -16.29 -34.94
CA CYS A 257 -27.74 -16.16 -36.12
C CYS A 257 -26.52 -17.06 -36.03
N ASN A 265 -18.79 -19.33 -40.69
CA ASN A 265 -18.56 -18.35 -41.75
C ASN A 265 -18.99 -16.95 -41.35
N ASP A 266 -18.02 -16.05 -41.19
CA ASP A 266 -18.31 -14.68 -40.78
C ASP A 266 -19.38 -14.03 -41.65
N THR A 267 -19.21 -14.14 -42.96
CA THR A 267 -20.10 -13.48 -43.93
C THR A 267 -21.57 -13.79 -43.67
N GLU A 268 -21.85 -15.05 -43.39
CA GLU A 268 -23.22 -15.53 -43.25
C GLU A 268 -23.82 -15.06 -41.92
N LEU A 269 -23.01 -15.12 -40.87
CA LEU A 269 -23.41 -14.65 -39.55
C LEU A 269 -23.77 -13.18 -39.60
N ILE A 270 -22.86 -12.37 -40.13
CA ILE A 270 -23.05 -10.94 -40.24
C ILE A 270 -24.28 -10.62 -41.07
N ALA A 271 -24.45 -11.36 -42.16
CA ALA A 271 -25.58 -11.15 -43.05
C ALA A 271 -26.86 -11.36 -42.28
N CYS A 272 -26.85 -12.31 -41.36
CA CYS A 272 -28.03 -12.60 -40.57
C CYS A 272 -28.30 -11.47 -39.60
N LEU A 273 -27.23 -11.00 -38.96
CA LEU A 273 -27.31 -9.88 -38.05
C LEU A 273 -27.89 -8.64 -38.74
N ARG A 274 -27.58 -8.47 -40.03
CA ARG A 274 -28.03 -7.29 -40.74
C ARG A 274 -29.54 -7.32 -41.01
N THR A 275 -30.15 -8.48 -40.83
CA THR A 275 -31.60 -8.59 -41.02
C THR A 275 -32.37 -8.37 -39.73
N ARG A 276 -31.66 -8.28 -38.61
CA ARG A 276 -32.33 -8.10 -37.32
C ARG A 276 -32.69 -6.64 -37.09
N PRO A 277 -33.87 -6.40 -36.51
CA PRO A 277 -34.26 -5.03 -36.16
C PRO A 277 -33.24 -4.46 -35.19
N ALA A 278 -32.97 -3.17 -35.26
CA ALA A 278 -31.96 -2.56 -34.40
C ALA A 278 -32.27 -2.80 -32.93
N GLN A 279 -33.53 -2.62 -32.54
CA GLN A 279 -33.92 -2.78 -31.14
C GLN A 279 -33.55 -4.15 -30.60
N ASP A 280 -33.60 -5.15 -31.48
CA ASP A 280 -33.34 -6.51 -31.08
C ASP A 280 -31.87 -6.69 -30.68
N LEU A 281 -30.99 -5.96 -31.35
CA LEU A 281 -29.57 -6.01 -31.03
C LEU A 281 -29.31 -5.26 -29.71
N VAL A 282 -29.98 -4.14 -29.53
CA VAL A 282 -29.87 -3.37 -28.30
C VAL A 282 -30.35 -4.19 -27.10
N ASP A 283 -31.43 -4.92 -27.30
CA ASP A 283 -32.01 -5.71 -26.21
C ASP A 283 -31.08 -6.83 -25.71
N HIS A 284 -30.06 -7.17 -26.49
CA HIS A 284 -29.22 -8.31 -26.13
C HIS A 284 -27.75 -7.97 -25.92
N GLU A 285 -27.32 -6.79 -26.34
CA GLU A 285 -25.90 -6.41 -26.26
C GLU A 285 -25.32 -6.55 -24.86
N TRP A 286 -26.09 -6.14 -23.85
CA TRP A 286 -25.58 -6.17 -22.48
C TRP A 286 -25.38 -7.59 -21.94
N HIS A 287 -25.90 -8.59 -22.64
CA HIS A 287 -25.84 -9.96 -22.16
C HIS A 287 -24.55 -10.72 -22.47
N VAL A 288 -23.64 -10.10 -23.22
CA VAL A 288 -22.46 -10.83 -23.66
C VAL A 288 -21.19 -10.60 -22.83
N LEU A 289 -21.29 -9.85 -21.73
CA LEU A 289 -20.12 -9.62 -20.86
C LEU A 289 -19.68 -10.90 -20.15
N PRO A 290 -18.35 -11.09 -20.01
CA PRO A 290 -17.80 -12.34 -19.49
C PRO A 290 -18.11 -12.57 -18.02
N GLN A 291 -18.21 -11.49 -17.25
CA GLN A 291 -18.48 -11.62 -15.82
C GLN A 291 -19.57 -10.65 -15.35
N GLU A 292 -20.00 -10.81 -14.10
CA GLU A 292 -20.87 -9.81 -13.49
C GLU A 292 -19.97 -8.63 -13.14
N SER A 293 -20.31 -7.46 -13.63
CA SER A 293 -19.37 -6.35 -13.51
C SER A 293 -20.03 -4.99 -13.56
N ILE A 294 -19.23 -3.97 -13.22
CA ILE A 294 -19.59 -2.59 -13.51
C ILE A 294 -18.42 -1.97 -14.26
N PHE A 295 -18.66 -0.83 -14.90
CA PHE A 295 -17.62 -0.17 -15.70
C PHE A 295 -17.02 -1.12 -16.73
N ARG A 296 -17.87 -1.92 -17.34
CA ARG A 296 -17.46 -2.77 -18.44
C ARG A 296 -18.54 -2.68 -19.49
N PHE A 297 -18.13 -2.61 -20.76
CA PHE A 297 -19.10 -2.42 -21.83
C PHE A 297 -18.89 -3.44 -22.92
N SER A 298 -19.99 -3.95 -23.45
CA SER A 298 -19.98 -5.10 -24.34
C SER A 298 -19.27 -4.85 -25.66
N PHE A 299 -19.53 -3.70 -26.25
CA PHE A 299 -19.02 -3.41 -27.59
C PHE A 299 -18.24 -2.11 -27.61
N VAL A 300 -16.92 -2.26 -27.67
CA VAL A 300 -15.99 -1.16 -27.56
C VAL A 300 -14.91 -1.34 -28.63
N PRO A 301 -14.02 -0.35 -28.78
CA PRO A 301 -12.91 -0.52 -29.73
C PRO A 301 -12.15 -1.83 -29.52
N VAL A 302 -11.85 -2.49 -30.62
CA VAL A 302 -11.09 -3.74 -30.60
C VAL A 302 -9.66 -3.48 -31.08
N VAL A 303 -8.70 -4.17 -30.47
CA VAL A 303 -7.31 -4.14 -30.94
C VAL A 303 -7.21 -4.97 -32.21
N ASP A 304 -7.39 -4.31 -33.35
CA ASP A 304 -7.56 -4.96 -34.64
C ASP A 304 -6.26 -5.11 -35.43
N GLY A 305 -5.18 -4.51 -34.92
CA GLY A 305 -3.94 -4.48 -35.67
C GLY A 305 -4.04 -3.56 -36.88
N ASP A 306 -5.05 -2.69 -36.88
CA ASP A 306 -5.27 -1.76 -37.99
C ASP A 306 -5.43 -0.33 -37.48
N PHE A 307 -6.65 0.03 -37.06
CA PHE A 307 -6.87 1.30 -36.39
C PHE A 307 -5.98 1.38 -35.15
N LEU A 308 -5.91 0.28 -34.41
CA LEU A 308 -4.96 0.15 -33.32
C LEU A 308 -3.95 -0.93 -33.69
N SER A 309 -2.74 -0.51 -34.00
CA SER A 309 -1.71 -1.44 -34.49
C SER A 309 -1.28 -2.42 -33.40
N ASP A 310 -1.52 -2.04 -32.15
CA ASP A 310 -1.20 -2.88 -31.00
C ASP A 310 -2.10 -2.44 -29.85
N THR A 311 -1.94 -3.05 -28.67
CA THR A 311 -2.71 -2.60 -27.52
C THR A 311 -2.32 -1.18 -27.20
N PRO A 312 -3.25 -0.40 -26.63
CA PRO A 312 -2.97 0.97 -26.21
C PRO A 312 -1.80 1.01 -25.24
N GLU A 313 -1.75 0.06 -24.31
CA GLU A 313 -0.65 -0.04 -23.37
C GLU A 313 0.69 -0.06 -24.10
N ALA A 314 0.80 -0.92 -25.11
CA ALA A 314 2.04 -1.02 -25.87
C ALA A 314 2.34 0.30 -26.58
N LEU A 315 1.30 0.87 -27.19
CA LEU A 315 1.46 2.07 -28.02
C LEU A 315 1.91 3.28 -27.21
N ILE A 316 1.40 3.42 -25.99
CA ILE A 316 1.79 4.56 -25.17
C ILE A 316 3.19 4.35 -24.59
N ASN A 317 3.59 3.10 -24.44
CA ASN A 317 4.90 2.76 -23.89
C ASN A 317 6.05 3.04 -24.85
N THR A 318 5.79 2.91 -26.14
CA THR A 318 6.86 2.96 -27.13
C THR A 318 6.66 4.10 -28.11
N GLY A 319 5.67 4.94 -27.87
CA GLY A 319 5.35 6.00 -28.80
C GLY A 319 6.21 7.24 -28.63
N ASP A 320 6.24 8.06 -29.69
CA ASP A 320 6.86 9.36 -29.62
C ASP A 320 5.76 10.42 -29.66
N PHE A 321 5.78 11.35 -28.72
CA PHE A 321 4.66 12.27 -28.55
C PHE A 321 5.07 13.74 -28.53
N GLN A 322 6.13 14.07 -29.27
CA GLN A 322 6.73 15.41 -29.26
C GLN A 322 5.78 16.54 -29.64
N ASP A 323 5.31 16.50 -30.88
CA ASP A 323 4.51 17.58 -31.45
C ASP A 323 3.08 17.53 -30.92
N LEU A 324 2.95 17.47 -29.60
CA LEU A 324 1.64 17.18 -29.01
C LEU A 324 1.47 17.77 -27.62
N GLN A 325 0.38 18.49 -27.43
CA GLN A 325 -0.01 18.95 -26.12
C GLN A 325 -1.30 18.27 -25.69
N VAL A 326 -1.36 17.90 -24.42
CA VAL A 326 -2.48 17.14 -23.91
C VAL A 326 -2.90 17.67 -22.54
N LEU A 327 -4.20 17.88 -22.38
CA LEU A 327 -4.77 18.19 -21.08
C LEU A 327 -5.53 16.96 -20.58
N VAL A 328 -5.27 16.52 -19.36
CA VAL A 328 -5.92 15.34 -18.80
C VAL A 328 -6.36 15.58 -17.37
N GLY A 329 -7.36 14.85 -16.91
CA GLY A 329 -7.83 15.04 -15.56
C GLY A 329 -8.95 14.12 -15.15
N VAL A 330 -9.34 14.22 -13.88
CA VAL A 330 -10.34 13.35 -13.29
C VAL A 330 -11.22 14.16 -12.37
N VAL A 331 -12.37 13.58 -11.98
CA VAL A 331 -13.22 14.20 -10.96
C VAL A 331 -12.94 13.55 -9.61
N LYS A 332 -13.42 14.16 -8.54
CA LYS A 332 -13.12 13.67 -7.20
C LYS A 332 -13.61 12.24 -6.98
N ASP A 333 -14.73 11.88 -7.58
CA ASP A 333 -15.37 10.59 -7.29
C ASP A 333 -15.75 9.84 -8.55
N GLU A 334 -14.75 9.35 -9.28
CA GLU A 334 -14.98 8.68 -10.55
C GLU A 334 -15.87 7.44 -10.42
N GLY A 335 -15.80 6.75 -9.28
CA GLY A 335 -16.42 5.46 -9.15
C GLY A 335 -17.84 5.40 -8.61
N SER A 336 -18.26 6.41 -7.85
CA SER A 336 -19.54 6.34 -7.15
C SER A 336 -20.75 6.06 -8.05
N TYR A 337 -20.81 6.73 -9.19
CA TYR A 337 -21.92 6.58 -10.13
C TYR A 337 -22.15 5.11 -10.52
N PHE A 338 -21.06 4.36 -10.67
CA PHE A 338 -21.14 3.01 -11.18
C PHE A 338 -21.62 1.99 -10.16
N LEU A 339 -21.43 2.32 -8.87
CA LEU A 339 -21.80 1.40 -7.80
C LEU A 339 -23.29 1.04 -7.80
N VAL A 340 -24.16 2.00 -8.10
CA VAL A 340 -25.60 1.77 -8.04
C VAL A 340 -26.11 0.96 -9.25
N TYR A 341 -25.22 0.63 -10.17
CA TYR A 341 -25.65 -0.14 -11.33
C TYR A 341 -25.26 -1.61 -11.22
N GLY A 342 -24.88 -2.06 -10.03
CA GLY A 342 -24.59 -3.46 -9.87
C GLY A 342 -23.88 -3.94 -8.61
N VAL A 343 -23.56 -3.03 -7.70
CA VAL A 343 -22.99 -3.47 -6.43
C VAL A 343 -24.08 -3.52 -5.36
N PRO A 344 -24.40 -4.73 -4.91
CA PRO A 344 -25.45 -4.87 -3.89
C PRO A 344 -25.09 -4.03 -2.68
N GLY A 345 -26.05 -3.27 -2.17
CA GLY A 345 -25.81 -2.40 -1.03
C GLY A 345 -25.85 -0.94 -1.42
N PHE A 346 -25.64 -0.65 -2.70
CA PHE A 346 -25.57 0.73 -3.16
C PHE A 346 -26.84 1.24 -3.84
N SER A 347 -27.25 2.44 -3.44
CA SER A 347 -28.43 3.10 -4.01
C SER A 347 -28.30 4.62 -3.93
N LYS A 348 -29.00 5.32 -4.82
CA LYS A 348 -28.99 6.77 -4.78
C LYS A 348 -29.96 7.26 -3.70
N ASP A 349 -30.75 6.34 -3.17
CA ASP A 349 -31.84 6.70 -2.25
C ASP A 349 -31.53 6.50 -0.77
N ASN A 350 -30.37 5.94 -0.46
CA ASN A 350 -29.88 5.93 0.91
C ASN A 350 -28.39 6.15 0.96
N GLU A 351 -27.82 6.06 2.16
CA GLU A 351 -26.43 6.40 2.37
C GLU A 351 -25.47 5.33 1.86
N SER A 352 -26.01 4.16 1.52
CA SER A 352 -25.22 3.07 0.98
C SER A 352 -24.07 2.67 1.90
N LEU A 353 -24.28 2.78 3.20
CA LEU A 353 -23.33 2.21 4.15
C LEU A 353 -23.34 0.70 3.94
N ILE A 354 -22.15 0.11 3.73
CA ILE A 354 -22.09 -1.31 3.45
C ILE A 354 -21.24 -2.05 4.46
N SER A 355 -21.43 -3.37 4.48
CA SER A 355 -20.66 -4.25 5.36
C SER A 355 -19.39 -4.72 4.67
N ARG A 356 -18.46 -5.20 5.47
CA ARG A 356 -17.23 -5.75 4.94
C ARG A 356 -17.52 -6.82 3.89
N ALA A 357 -18.56 -7.62 4.12
CA ALA A 357 -18.90 -8.70 3.20
C ALA A 357 -19.34 -8.14 1.84
N GLN A 358 -20.14 -7.09 1.88
CA GLN A 358 -20.59 -6.45 0.66
C GLN A 358 -19.43 -5.81 -0.06
N PHE A 359 -18.43 -5.38 0.71
CA PHE A 359 -17.23 -4.78 0.14
C PHE A 359 -16.46 -5.82 -0.68
N LEU A 360 -16.29 -7.01 -0.12
CA LEU A 360 -15.59 -8.07 -0.81
C LEU A 360 -16.33 -8.47 -2.07
N ALA A 361 -17.65 -8.58 -1.96
CA ALA A 361 -18.48 -8.92 -3.10
C ALA A 361 -18.39 -7.84 -4.18
N GLY A 362 -18.32 -6.59 -3.74
CA GLY A 362 -18.27 -5.46 -4.65
C GLY A 362 -16.96 -5.44 -5.42
N VAL A 363 -15.88 -5.80 -4.73
CA VAL A 363 -14.57 -5.85 -5.34
C VAL A 363 -14.51 -6.87 -6.48
N ARG A 364 -15.19 -8.00 -6.31
CA ARG A 364 -15.24 -9.00 -7.38
C ARG A 364 -15.99 -8.45 -8.58
N ILE A 365 -17.02 -7.64 -8.33
CA ILE A 365 -17.81 -7.07 -9.40
C ILE A 365 -17.09 -5.90 -10.07
N GLY A 366 -16.47 -5.06 -9.25
CA GLY A 366 -15.76 -3.89 -9.76
C GLY A 366 -14.41 -4.23 -10.38
N VAL A 367 -13.86 -5.39 -10.02
CA VAL A 367 -12.62 -5.87 -10.62
C VAL A 367 -12.85 -7.26 -11.18
N PRO A 368 -13.73 -7.37 -12.18
CA PRO A 368 -14.24 -8.65 -12.66
C PRO A 368 -13.16 -9.59 -13.20
N GLN A 369 -12.04 -9.04 -13.66
CA GLN A 369 -10.97 -9.86 -14.19
C GLN A 369 -10.04 -10.42 -13.12
N ALA A 370 -10.23 -10.00 -11.87
CA ALA A 370 -9.31 -10.40 -10.80
C ALA A 370 -9.46 -11.85 -10.42
N SER A 371 -8.32 -12.52 -10.21
CA SER A 371 -8.31 -13.81 -9.56
C SER A 371 -8.56 -13.58 -8.08
N ASP A 372 -8.65 -14.67 -7.32
CA ASP A 372 -8.93 -14.54 -5.90
C ASP A 372 -7.82 -13.78 -5.18
N LEU A 373 -6.57 -14.07 -5.54
CA LEU A 373 -5.45 -13.43 -4.87
C LEU A 373 -5.39 -11.93 -5.18
N ALA A 374 -5.61 -11.58 -6.43
CA ALA A 374 -5.59 -10.19 -6.85
C ALA A 374 -6.69 -9.39 -6.17
N ALA A 375 -7.84 -10.04 -5.97
CA ALA A 375 -8.97 -9.41 -5.31
C ALA A 375 -8.65 -9.20 -3.84
N GLU A 376 -8.06 -10.21 -3.22
CA GLU A 376 -7.61 -10.07 -1.84
C GLU A 376 -6.62 -8.93 -1.74
N ALA A 377 -5.72 -8.83 -2.70
CA ALA A 377 -4.74 -7.74 -2.73
C ALA A 377 -5.47 -6.40 -2.70
N VAL A 378 -6.49 -6.27 -3.55
CA VAL A 378 -7.28 -5.05 -3.63
C VAL A 378 -7.92 -4.72 -2.28
N VAL A 379 -8.61 -5.71 -1.71
CA VAL A 379 -9.31 -5.53 -0.45
C VAL A 379 -8.35 -5.15 0.66
N LEU A 380 -7.19 -5.81 0.68
CA LEU A 380 -6.20 -5.53 1.70
C LEU A 380 -5.66 -4.12 1.58
N HIS A 381 -5.42 -3.69 0.35
CA HIS A 381 -4.90 -2.35 0.11
C HIS A 381 -5.90 -1.24 0.51
N TYR A 382 -7.17 -1.47 0.23
CA TYR A 382 -8.17 -0.41 0.41
C TYR A 382 -8.80 -0.43 1.81
N THR A 383 -8.61 -1.52 2.54
CA THR A 383 -9.11 -1.61 3.89
C THR A 383 -8.41 -0.60 4.80
N ASP A 384 -9.18 0.03 5.68
CA ASP A 384 -8.61 0.84 6.73
C ASP A 384 -8.43 -0.04 7.96
N TRP A 385 -7.20 -0.47 8.22
CA TRP A 385 -6.97 -1.50 9.22
C TRP A 385 -7.12 -1.03 10.66
N LEU A 386 -7.33 0.27 10.83
CA LEU A 386 -7.79 0.83 12.10
C LEU A 386 -9.30 0.68 12.28
N HIS A 387 -10.02 0.55 11.16
CA HIS A 387 -11.48 0.51 11.17
C HIS A 387 -12.00 -0.38 10.03
N PRO A 388 -11.59 -1.65 10.03
CA PRO A 388 -11.82 -2.57 8.91
C PRO A 388 -13.30 -2.84 8.63
N GLU A 389 -14.16 -2.58 9.61
CA GLU A 389 -15.56 -2.96 9.53
C GLU A 389 -16.46 -1.74 9.38
N ASP A 390 -15.86 -0.56 9.34
CA ASP A 390 -16.62 0.69 9.28
C ASP A 390 -17.35 0.86 7.95
N PRO A 391 -18.69 0.89 8.00
CA PRO A 391 -19.58 0.94 6.83
C PRO A 391 -19.32 2.16 5.95
N THR A 392 -19.02 3.30 6.56
CA THR A 392 -18.82 4.52 5.81
C THR A 392 -17.51 4.44 5.03
N HIS A 393 -16.45 3.96 5.68
CA HIS A 393 -15.18 3.84 4.99
C HIS A 393 -15.26 2.81 3.87
N LEU A 394 -15.96 1.71 4.13
CA LEU A 394 -16.08 0.65 3.14
C LEU A 394 -16.84 1.14 1.92
N ARG A 395 -17.87 1.95 2.14
CA ARG A 395 -18.61 2.54 1.05
C ARG A 395 -17.73 3.44 0.19
N ASP A 396 -16.95 4.29 0.84
CA ASP A 396 -16.08 5.22 0.12
C ASP A 396 -14.91 4.50 -0.50
N ALA A 397 -14.50 3.39 0.12
CA ALA A 397 -13.42 2.57 -0.43
C ALA A 397 -13.87 1.85 -1.70
N MET A 398 -15.11 1.37 -1.70
CA MET A 398 -15.67 0.70 -2.86
C MET A 398 -15.73 1.67 -4.04
N SER A 399 -16.11 2.91 -3.76
CA SER A 399 -16.11 3.94 -4.79
C SER A 399 -14.69 4.14 -5.35
N ALA A 400 -13.72 4.27 -4.45
CA ALA A 400 -12.33 4.51 -4.83
C ALA A 400 -11.73 3.36 -5.65
N VAL A 401 -11.98 2.13 -5.23
CA VAL A 401 -11.54 0.95 -5.97
C VAL A 401 -11.97 1.08 -7.44
N VAL A 402 -13.25 1.35 -7.64
CA VAL A 402 -13.80 1.50 -8.98
C VAL A 402 -13.22 2.70 -9.70
N GLY A 403 -13.14 3.83 -9.00
CA GLY A 403 -12.61 5.06 -9.56
C GLY A 403 -11.15 4.97 -9.95
N ASP A 404 -10.34 4.35 -9.08
CA ASP A 404 -8.91 4.24 -9.30
C ASP A 404 -8.60 3.25 -10.42
N HIS A 405 -9.30 2.13 -10.40
CA HIS A 405 -9.06 1.06 -11.36
C HIS A 405 -9.41 1.50 -12.78
N ASN A 406 -10.49 2.24 -12.91
CA ASN A 406 -11.03 2.54 -14.24
C ASN A 406 -10.57 3.88 -14.83
N VAL A 407 -10.39 4.88 -13.98
CA VAL A 407 -10.06 6.21 -14.48
C VAL A 407 -8.76 6.79 -13.94
N VAL A 408 -8.69 7.01 -12.64
CA VAL A 408 -7.58 7.76 -12.05
C VAL A 408 -6.21 7.17 -12.35
N CYS A 409 -6.08 5.85 -12.23
CA CYS A 409 -4.80 5.21 -12.46
C CYS A 409 -4.46 5.03 -13.94
N PRO A 410 -5.46 4.69 -14.77
CA PRO A 410 -5.16 4.71 -16.20
C PRO A 410 -4.76 6.10 -16.69
N VAL A 411 -5.37 7.15 -16.15
CA VAL A 411 -5.00 8.51 -16.51
C VAL A 411 -3.58 8.82 -16.03
N ALA A 412 -3.29 8.50 -14.77
CA ALA A 412 -1.96 8.73 -14.23
C ALA A 412 -0.92 8.03 -15.11
N GLN A 413 -1.18 6.77 -15.39
CA GLN A 413 -0.37 5.97 -16.30
C GLN A 413 -0.12 6.71 -17.63
N LEU A 414 -1.21 7.20 -18.23
CA LEU A 414 -1.13 7.87 -19.53
C LEU A 414 -0.33 9.17 -19.48
N ALA A 415 -0.64 10.02 -18.49
CA ALA A 415 0.07 11.29 -18.34
C ALA A 415 1.57 11.02 -18.25
N GLY A 416 1.93 10.01 -17.46
CA GLY A 416 3.32 9.65 -17.25
C GLY A 416 4.05 9.29 -18.52
N ARG A 417 3.49 8.36 -19.28
CA ARG A 417 4.12 7.92 -20.51
C ARG A 417 4.22 9.08 -21.49
N LEU A 418 3.11 9.78 -21.69
CA LEU A 418 3.06 10.93 -22.57
C LEU A 418 4.16 11.94 -22.25
N ALA A 419 4.23 12.33 -20.98
CA ALA A 419 5.22 13.30 -20.55
C ALA A 419 6.62 12.78 -20.82
N ALA A 420 6.89 11.57 -20.35
CA ALA A 420 8.19 10.95 -20.50
C ALA A 420 8.62 10.83 -21.96
N GLN A 421 7.67 11.00 -22.88
CA GLN A 421 7.95 10.73 -24.28
C GLN A 421 7.63 11.86 -25.26
N GLY A 422 7.81 13.10 -24.83
CA GLY A 422 7.75 14.23 -25.74
C GLY A 422 6.54 15.14 -25.65
N ALA A 423 5.43 14.61 -25.15
CA ALA A 423 4.21 15.39 -25.07
C ALA A 423 4.29 16.45 -23.99
N ARG A 424 3.67 17.59 -24.21
CA ARG A 424 3.45 18.54 -23.13
C ARG A 424 2.12 18.18 -22.49
N VAL A 425 2.14 17.91 -21.19
CA VAL A 425 0.96 17.43 -20.49
C VAL A 425 0.54 18.36 -19.36
N TYR A 426 -0.74 18.72 -19.32
CA TYR A 426 -1.31 19.38 -18.17
C TYR A 426 -2.34 18.46 -17.53
N ALA A 427 -2.41 18.48 -16.20
CA ALA A 427 -3.29 17.58 -15.47
C ALA A 427 -4.07 18.30 -14.38
N TYR A 428 -5.28 17.83 -14.12
CA TYR A 428 -6.14 18.44 -13.11
C TYR A 428 -6.95 17.39 -12.38
N ILE A 429 -7.50 17.78 -11.24
CA ILE A 429 -8.58 17.04 -10.62
C ILE A 429 -9.70 18.03 -10.36
N PHE A 430 -10.91 17.64 -10.73
CA PHE A 430 -12.06 18.53 -10.62
C PHE A 430 -12.87 18.18 -9.36
N GLU A 431 -12.96 19.12 -8.44
CA GLU A 431 -13.49 18.82 -7.11
C GLU A 431 -14.77 19.58 -6.74
N HIS A 432 -15.30 20.37 -7.65
CA HIS A 432 -16.51 21.09 -7.32
C HIS A 432 -17.78 20.29 -7.64
N ARG A 433 -18.59 20.06 -6.61
CA ARG A 433 -19.89 19.42 -6.79
C ARG A 433 -20.98 20.48 -7.03
N ALA A 434 -21.66 20.35 -8.17
CA ALA A 434 -22.66 21.34 -8.58
C ALA A 434 -23.71 21.53 -7.50
N SER A 435 -24.03 22.78 -7.22
CA SER A 435 -25.13 23.10 -6.31
C SER A 435 -26.43 22.48 -6.82
N THR A 436 -26.46 22.16 -8.11
CA THR A 436 -27.67 21.68 -8.76
C THR A 436 -27.72 20.14 -8.86
N LEU A 437 -26.72 19.47 -8.30
CA LEU A 437 -26.61 18.03 -8.45
C LEU A 437 -27.79 17.31 -7.78
N THR A 438 -28.35 16.32 -8.47
CA THR A 438 -29.52 15.61 -7.94
C THR A 438 -29.18 14.27 -7.28
N TRP A 439 -27.94 13.81 -7.45
CA TRP A 439 -27.48 12.62 -6.75
C TRP A 439 -27.18 12.99 -5.29
N PRO A 440 -27.19 11.98 -4.38
CA PRO A 440 -26.92 12.21 -2.97
C PRO A 440 -25.48 12.62 -2.71
N LEU A 441 -25.27 13.26 -1.57
CA LEU A 441 -23.94 13.71 -1.17
C LEU A 441 -22.90 12.61 -1.13
N TRP A 442 -23.28 11.39 -0.78
CA TRP A 442 -22.28 10.32 -0.63
C TRP A 442 -21.54 10.05 -1.94
N MET A 443 -22.15 10.43 -3.07
CA MET A 443 -21.52 10.19 -4.36
C MET A 443 -20.51 11.28 -4.74
N GLY A 444 -20.42 12.31 -3.91
CA GLY A 444 -19.46 13.38 -4.10
C GLY A 444 -19.57 14.06 -5.46
N VAL A 445 -18.45 14.14 -6.16
CA VAL A 445 -18.42 14.72 -7.51
C VAL A 445 -18.28 13.57 -8.50
N PRO A 446 -19.41 13.11 -9.04
CA PRO A 446 -19.46 11.88 -9.83
C PRO A 446 -18.97 12.04 -11.26
N HIS A 447 -18.55 10.91 -11.83
CA HIS A 447 -18.20 10.78 -13.24
C HIS A 447 -19.17 11.56 -14.13
N GLY A 448 -18.62 12.47 -14.93
CA GLY A 448 -19.41 13.19 -15.90
C GLY A 448 -19.88 14.57 -15.48
N TYR A 449 -19.70 14.93 -14.22
CA TYR A 449 -20.29 16.16 -13.72
C TYR A 449 -19.39 17.40 -13.69
N GLU A 450 -18.30 17.35 -14.44
CA GLU A 450 -17.51 18.55 -14.71
C GLU A 450 -17.94 19.14 -16.05
N ILE A 451 -18.54 18.31 -16.89
CA ILE A 451 -18.85 18.72 -18.26
C ILE A 451 -19.68 19.99 -18.34
N GLU A 452 -20.75 20.08 -17.55
CA GLU A 452 -21.65 21.21 -17.59
C GLU A 452 -20.91 22.53 -17.32
N PHE A 453 -19.83 22.44 -16.55
CA PHE A 453 -19.01 23.62 -16.26
C PHE A 453 -18.06 24.00 -17.40
N ILE A 454 -17.39 22.99 -17.98
CA ILE A 454 -16.53 23.21 -19.14
C ILE A 454 -17.31 23.88 -20.28
N PHE A 455 -18.57 23.50 -20.44
CA PHE A 455 -19.39 24.03 -21.53
C PHE A 455 -20.05 25.35 -21.16
N GLY A 456 -19.94 25.74 -19.89
CA GLY A 456 -20.46 27.01 -19.42
C GLY A 456 -21.96 27.08 -19.22
N LEU A 457 -22.62 25.94 -19.03
CA LEU A 457 -24.05 25.95 -18.73
C LEU A 457 -24.43 26.88 -17.58
N PRO A 458 -23.58 26.98 -16.53
CA PRO A 458 -23.96 27.88 -15.44
C PRO A 458 -24.20 29.32 -15.88
N LEU A 459 -23.73 29.70 -17.07
CA LEU A 459 -23.98 31.04 -17.59
C LEU A 459 -25.45 31.26 -17.95
N ASP A 460 -26.18 30.18 -18.18
CA ASP A 460 -27.60 30.29 -18.49
C ASP A 460 -28.36 30.62 -17.21
N PRO A 461 -28.85 31.85 -17.11
CA PRO A 461 -29.46 32.37 -15.89
C PRO A 461 -30.56 31.44 -15.38
N SER A 462 -31.32 30.87 -16.30
CA SER A 462 -32.45 30.01 -15.93
C SER A 462 -32.04 28.63 -15.39
N LEU A 463 -30.76 28.43 -15.15
CA LEU A 463 -30.30 27.11 -14.69
C LEU A 463 -30.09 27.02 -13.18
N ASN A 464 -30.07 28.16 -12.50
CA ASN A 464 -30.05 28.19 -11.04
C ASN A 464 -28.69 27.95 -10.39
N TYR A 465 -27.61 28.04 -11.16
CA TYR A 465 -26.30 27.94 -10.56
C TYR A 465 -26.03 29.16 -9.71
N THR A 466 -25.12 29.04 -8.74
CA THR A 466 -24.70 30.17 -7.94
C THR A 466 -23.82 31.08 -8.77
N THR A 467 -23.65 32.32 -8.30
CA THR A 467 -22.81 33.27 -9.00
C THR A 467 -21.36 32.80 -9.02
N GLU A 468 -20.92 32.19 -7.92
CA GLU A 468 -19.57 31.66 -7.83
C GLU A 468 -19.39 30.57 -8.88
N GLU A 469 -20.45 29.79 -9.10
CA GLU A 469 -20.41 28.76 -10.12
C GLU A 469 -20.32 29.36 -11.52
N ARG A 470 -21.06 30.46 -11.74
CA ARG A 470 -20.96 31.16 -13.01
C ARG A 470 -19.51 31.59 -13.27
N ILE A 471 -18.92 32.25 -12.28
CA ILE A 471 -17.54 32.72 -12.37
C ILE A 471 -16.56 31.57 -12.57
N PHE A 472 -16.82 30.47 -11.87
CA PHE A 472 -16.02 29.25 -11.97
C PHE A 472 -16.04 28.68 -13.39
N ALA A 473 -17.23 28.62 -13.98
CA ALA A 473 -17.39 28.13 -15.33
C ALA A 473 -16.58 28.98 -16.31
N GLN A 474 -16.65 30.29 -16.12
CA GLN A 474 -15.88 31.23 -16.95
C GLN A 474 -14.38 30.93 -16.88
N ARG A 475 -13.89 30.67 -15.67
CA ARG A 475 -12.49 30.29 -15.52
C ARG A 475 -12.17 29.03 -16.33
N LEU A 476 -13.02 28.00 -16.18
CA LEU A 476 -12.81 26.73 -16.87
C LEU A 476 -12.84 26.88 -18.38
N MET A 477 -13.78 27.67 -18.90
CA MET A 477 -13.86 27.91 -20.33
C MET A 477 -12.59 28.59 -20.80
N LYS A 478 -12.03 29.44 -19.95
CA LYS A 478 -10.76 30.09 -20.25
C LYS A 478 -9.65 29.05 -20.36
N TYR A 479 -9.49 28.22 -19.33
CA TYR A 479 -8.46 27.19 -19.36
C TYR A 479 -8.55 26.36 -20.64
N TRP A 480 -9.75 25.86 -20.92
CA TRP A 480 -9.96 25.01 -22.09
C TRP A 480 -9.66 25.73 -23.41
N THR A 481 -10.24 26.90 -23.60
CA THR A 481 -10.00 27.66 -24.83
C THR A 481 -8.56 28.17 -24.97
N ASN A 482 -7.94 28.54 -23.86
CA ASN A 482 -6.53 28.92 -23.88
C ASN A 482 -5.66 27.78 -24.35
N PHE A 483 -5.97 26.58 -23.89
CA PHE A 483 -5.23 25.38 -24.26
C PHE A 483 -5.49 25.03 -25.73
N ALA A 484 -6.72 25.24 -26.18
CA ALA A 484 -7.05 25.01 -27.58
C ALA A 484 -6.24 25.95 -28.45
N ARG A 485 -6.16 27.22 -28.04
CA ARG A 485 -5.44 28.23 -28.80
C ARG A 485 -3.94 28.02 -28.84
N THR A 486 -3.36 27.68 -27.69
CA THR A 486 -1.91 27.76 -27.52
C THR A 486 -1.25 26.47 -27.06
N GLY A 487 -2.05 25.49 -26.63
CA GLY A 487 -1.53 24.28 -26.04
C GLY A 487 -1.11 24.54 -24.60
N ASP A 488 -1.69 25.59 -24.02
CA ASP A 488 -1.33 26.03 -22.69
C ASP A 488 -2.54 26.67 -22.00
N PRO A 489 -3.04 26.05 -20.93
CA PRO A 489 -4.27 26.51 -20.29
C PRO A 489 -4.11 27.88 -19.66
N ASN A 490 -2.87 28.30 -19.44
CA ASN A 490 -2.61 29.56 -18.73
C ASN A 490 -2.92 30.79 -19.56
N ASP A 491 -3.50 31.79 -18.91
CA ASP A 491 -3.78 33.06 -19.58
C ASP A 491 -2.48 33.81 -19.84
N PRO A 492 -2.26 34.22 -21.10
CA PRO A 492 -1.02 34.90 -21.49
C PRO A 492 -0.83 36.20 -20.72
N ARG A 493 -1.92 36.92 -20.49
CA ARG A 493 -1.88 38.20 -19.78
C ARG A 493 -1.88 37.98 -18.29
N ASP A 494 -3.01 37.50 -17.77
CA ASP A 494 -3.21 37.33 -16.33
C ASP A 494 -2.18 36.39 -15.69
N SER A 495 -1.02 36.95 -15.37
CA SER A 495 0.00 36.20 -14.64
C SER A 495 -0.10 36.53 -13.16
N LYS A 496 -1.07 37.37 -12.82
CA LYS A 496 -1.38 37.68 -11.42
C LYS A 496 -2.12 36.51 -10.78
N SER A 497 -2.79 35.72 -11.61
CA SER A 497 -3.46 34.51 -11.15
C SER A 497 -2.46 33.35 -11.08
N PRO A 498 -2.70 32.40 -10.17
CA PRO A 498 -1.76 31.29 -9.98
C PRO A 498 -1.57 30.54 -11.29
N GLN A 499 -0.38 30.01 -11.52
CA GLN A 499 -0.08 29.33 -12.77
C GLN A 499 -0.35 27.82 -12.67
N TRP A 500 -0.58 27.22 -13.83
CA TRP A 500 -0.83 25.80 -13.95
C TRP A 500 0.42 25.18 -14.55
N PRO A 501 1.24 24.53 -13.72
CA PRO A 501 2.49 23.91 -14.20
C PRO A 501 2.18 22.71 -15.08
N PRO A 502 3.03 22.44 -16.08
CA PRO A 502 2.89 21.18 -16.80
C PRO A 502 3.09 19.99 -15.87
N TYR A 503 2.52 18.85 -16.22
CA TYR A 503 2.75 17.62 -15.49
C TYR A 503 4.04 16.98 -15.99
N THR A 504 4.88 16.54 -15.07
CA THR A 504 6.12 15.85 -15.44
C THR A 504 6.33 14.59 -14.63
N THR A 505 7.16 13.71 -15.16
CA THR A 505 7.54 12.50 -14.45
C THR A 505 8.26 12.86 -13.14
N ALA A 506 9.11 13.87 -13.21
CA ALA A 506 9.89 14.30 -12.05
C ALA A 506 9.01 14.82 -10.90
N ALA A 507 8.24 15.86 -11.17
CA ALA A 507 7.47 16.53 -10.11
C ALA A 507 6.00 16.12 -10.03
N GLN A 508 5.50 15.46 -11.07
CA GLN A 508 4.12 14.97 -11.08
C GLN A 508 3.12 15.99 -10.55
N GLN A 509 3.18 17.21 -11.07
CA GLN A 509 2.28 18.26 -10.62
C GLN A 509 0.98 18.32 -11.41
N TYR A 510 -0.12 18.60 -10.70
CA TYR A 510 -1.43 18.82 -11.30
C TYR A 510 -2.17 19.84 -10.45
N VAL A 511 -3.26 20.40 -10.98
CA VAL A 511 -3.98 21.41 -10.22
C VAL A 511 -5.37 20.95 -9.77
N SER A 512 -5.85 21.56 -8.71
CA SER A 512 -7.22 21.37 -8.28
C SER A 512 -8.11 22.41 -8.96
N LEU A 513 -9.22 21.95 -9.53
CA LEU A 513 -10.21 22.84 -10.10
C LEU A 513 -11.43 22.89 -9.19
N ASN A 514 -11.60 24.02 -8.52
CA ASN A 514 -12.76 24.25 -7.68
C ASN A 514 -13.02 25.74 -7.49
N LEU A 515 -13.89 26.09 -6.55
CA LEU A 515 -14.27 27.48 -6.38
C LEU A 515 -13.09 28.34 -5.93
N LYS A 516 -12.14 27.72 -5.25
CA LYS A 516 -10.92 28.40 -4.84
C LYS A 516 -9.95 28.49 -6.02
N PRO A 517 -8.97 29.39 -5.93
CA PRO A 517 -8.01 29.58 -7.04
C PRO A 517 -7.14 28.35 -7.25
N LEU A 518 -6.58 28.22 -8.44
CA LEU A 518 -5.71 27.10 -8.76
C LEU A 518 -4.77 26.79 -7.61
N GLU A 519 -4.74 25.53 -7.20
CA GLU A 519 -3.76 25.06 -6.23
C GLU A 519 -3.02 23.86 -6.79
N VAL A 520 -1.68 23.91 -6.74
CA VAL A 520 -0.85 22.86 -7.31
C VAL A 520 -0.63 21.70 -6.35
N ARG A 521 -0.75 20.48 -6.86
CA ARG A 521 -0.50 19.29 -6.04
C ARG A 521 0.46 18.35 -6.74
N ARG A 522 1.02 17.41 -5.99
CA ARG A 522 2.03 16.52 -6.55
C ARG A 522 1.64 15.05 -6.38
N GLY A 523 1.76 14.29 -7.46
CA GLY A 523 1.43 12.88 -7.44
C GLY A 523 -0.07 12.64 -7.50
N LEU A 524 -0.50 11.96 -8.56
CA LEU A 524 -1.91 11.64 -8.71
C LEU A 524 -2.11 10.22 -8.19
N ARG A 525 -2.58 10.11 -6.96
CA ARG A 525 -2.69 8.80 -6.30
C ARG A 525 -1.45 7.96 -6.57
N ALA A 526 -0.28 8.56 -6.44
CA ALA A 526 0.96 7.88 -6.82
C ALA A 526 1.10 6.52 -6.14
N GLN A 527 0.96 6.49 -4.83
CA GLN A 527 1.19 5.27 -4.06
C GLN A 527 0.21 4.17 -4.49
N THR A 528 -1.08 4.50 -4.49
CA THR A 528 -2.12 3.55 -4.87
C THR A 528 -2.04 3.15 -6.35
N CYS A 529 -1.74 4.11 -7.21
CA CYS A 529 -1.66 3.80 -8.64
C CYS A 529 -0.45 2.94 -8.97
N ALA A 530 0.57 2.96 -8.11
CA ALA A 530 1.69 2.03 -8.28
C ALA A 530 1.18 0.60 -8.09
N PHE A 531 0.23 0.45 -7.18
CA PHE A 531 -0.41 -0.85 -7.00
C PHE A 531 -1.14 -1.32 -8.26
N TRP A 532 -2.00 -0.45 -8.81
CA TRP A 532 -2.77 -0.80 -10.01
C TRP A 532 -1.92 -0.91 -11.27
N ASN A 533 -0.98 0.01 -11.44
CA ASN A 533 -0.22 0.09 -12.69
C ASN A 533 1.03 -0.79 -12.77
N ARG A 534 1.69 -1.01 -11.63
CA ARG A 534 2.92 -1.79 -11.63
C ARG A 534 2.74 -3.19 -11.05
N PHE A 535 2.14 -3.28 -9.87
CA PHE A 535 2.09 -4.57 -9.19
C PHE A 535 0.99 -5.49 -9.73
N LEU A 536 -0.21 -4.93 -9.89
CA LEU A 536 -1.37 -5.74 -10.25
C LEU A 536 -1.14 -6.59 -11.50
N PRO A 537 -0.64 -5.98 -12.59
CA PRO A 537 -0.40 -6.77 -13.79
C PRO A 537 0.44 -8.00 -13.50
N LYS A 538 1.53 -7.82 -12.75
CA LYS A 538 2.43 -8.91 -12.42
C LYS A 538 1.78 -9.96 -11.52
N LEU A 539 0.82 -9.55 -10.72
CA LEU A 539 0.12 -10.48 -9.83
C LEU A 539 -0.87 -11.33 -10.60
N LEU A 540 -1.50 -10.74 -11.61
CA LEU A 540 -2.46 -11.46 -12.42
C LEU A 540 -1.77 -12.52 -13.29
N SER A 541 -0.65 -12.15 -13.91
CA SER A 541 0.14 -13.10 -14.68
C SER A 541 0.97 -13.99 -13.74
N ALA A 542 0.26 -14.78 -12.94
CA ALA A 542 0.89 -15.67 -11.96
C ALA A 542 -0.18 -16.24 -11.04
N GLU B 4 32.52 -10.16 58.01
CA GLU B 4 31.44 -10.96 57.46
C GLU B 4 30.09 -10.27 57.64
N ASP B 5 29.56 -9.72 56.55
CA ASP B 5 28.32 -8.97 56.57
C ASP B 5 27.10 -9.87 56.38
N PRO B 6 26.31 -10.04 57.44
CA PRO B 6 25.14 -10.93 57.45
C PRO B 6 24.20 -10.64 56.29
N GLN B 7 24.16 -9.38 55.87
CA GLN B 7 23.33 -8.98 54.75
C GLN B 7 23.81 -9.63 53.45
N LEU B 8 25.07 -10.04 53.44
CA LEU B 8 25.68 -10.60 52.24
C LEU B 8 25.78 -12.13 52.27
N LEU B 9 25.23 -12.73 53.30
CA LEU B 9 25.25 -14.18 53.44
C LEU B 9 23.87 -14.78 53.22
N VAL B 10 23.73 -15.60 52.18
CA VAL B 10 22.47 -16.27 51.91
C VAL B 10 22.67 -17.77 51.83
N ARG B 11 21.66 -18.52 52.29
CA ARG B 11 21.64 -19.96 52.13
C ARG B 11 20.53 -20.36 51.18
N VAL B 12 20.92 -20.92 50.05
CA VAL B 12 19.97 -21.46 49.09
C VAL B 12 19.98 -22.98 49.25
N ARG B 13 19.13 -23.66 48.50
CA ARG B 13 19.04 -25.11 48.60
C ARG B 13 20.37 -25.82 48.39
N GLY B 14 21.29 -25.18 47.66
CA GLY B 14 22.53 -25.82 47.30
C GLY B 14 23.65 -25.59 48.29
N GLY B 15 23.44 -24.69 49.24
CA GLY B 15 24.47 -24.36 50.20
C GLY B 15 24.56 -22.87 50.44
N GLN B 16 25.70 -22.41 50.93
CA GLN B 16 25.85 -21.01 51.30
C GLN B 16 26.56 -20.14 50.26
N LEU B 17 26.11 -18.90 50.14
CA LEU B 17 26.63 -17.95 49.17
C LEU B 17 27.07 -16.71 49.88
N ARG B 18 28.08 -16.04 49.34
CA ARG B 18 28.49 -14.74 49.84
C ARG B 18 28.44 -13.71 48.71
N GLY B 19 27.52 -12.76 48.84
CA GLY B 19 27.41 -11.71 47.85
C GLY B 19 28.38 -10.57 48.12
N ILE B 20 28.22 -9.49 47.38
CA ILE B 20 29.05 -8.31 47.55
C ILE B 20 28.15 -7.09 47.63
N ARG B 21 28.59 -6.07 48.37
CA ARG B 21 27.83 -4.83 48.46
C ARG B 21 28.37 -3.90 47.41
N LEU B 22 27.49 -3.43 46.53
CA LEU B 22 27.88 -2.53 45.46
C LEU B 22 27.31 -1.15 45.69
N LYS B 23 27.92 -0.15 45.10
CA LYS B 23 27.43 1.22 45.22
C LYS B 23 26.62 1.65 44.01
N ALA B 24 25.35 1.97 44.26
CA ALA B 24 24.52 2.64 43.28
C ALA B 24 24.49 4.13 43.66
N PRO B 25 24.31 5.00 42.66
CA PRO B 25 24.40 6.45 42.86
C PRO B 25 23.67 6.94 44.10
N GLY B 26 22.63 6.24 44.51
CA GLY B 26 21.83 6.67 45.66
C GLY B 26 21.89 5.74 46.84
N GLY B 27 22.90 4.88 46.89
CA GLY B 27 23.01 3.95 47.99
C GLY B 27 23.51 2.58 47.57
N PRO B 28 23.55 1.65 48.53
CA PRO B 28 24.15 0.33 48.33
C PRO B 28 23.13 -0.68 47.85
N VAL B 29 23.62 -1.75 47.24
CA VAL B 29 22.78 -2.88 46.87
C VAL B 29 23.55 -4.16 47.17
N SER B 30 22.81 -5.22 47.45
CA SER B 30 23.43 -6.54 47.59
C SER B 30 23.46 -7.21 46.22
N ALA B 31 24.66 -7.59 45.77
CA ALA B 31 24.76 -8.34 44.53
C ALA B 31 25.30 -9.75 44.77
N PHE B 32 24.66 -10.72 44.15
CA PHE B 32 25.14 -12.10 44.19
C PHE B 32 25.35 -12.61 42.77
N LEU B 33 26.60 -12.59 42.34
CA LEU B 33 26.95 -12.89 40.95
C LEU B 33 27.59 -14.26 40.81
N GLY B 34 27.38 -14.89 39.66
CA GLY B 34 28.01 -16.17 39.36
C GLY B 34 27.50 -17.34 40.18
N ILE B 35 26.21 -17.34 40.51
CA ILE B 35 25.59 -18.45 41.22
C ILE B 35 25.30 -19.58 40.25
N PRO B 36 25.80 -20.79 40.55
CA PRO B 36 25.58 -21.94 39.66
C PRO B 36 24.16 -22.44 39.75
N PHE B 37 23.47 -22.61 38.62
CA PHE B 37 22.13 -23.20 38.66
C PHE B 37 22.05 -24.55 37.94
N ALA B 38 23.15 -24.93 37.29
CA ALA B 38 23.20 -26.21 36.59
C ALA B 38 24.59 -26.83 36.69
N GLU B 39 24.65 -28.15 36.50
CA GLU B 39 25.93 -28.82 36.30
C GLU B 39 26.54 -28.29 35.01
N PRO B 40 27.84 -27.93 35.05
CA PRO B 40 28.47 -27.44 33.82
C PRO B 40 28.18 -28.36 32.64
N PRO B 41 27.62 -27.81 31.56
CA PRO B 41 27.18 -28.59 30.40
C PRO B 41 28.36 -28.89 29.49
N VAL B 42 29.39 -29.54 30.03
CA VAL B 42 30.61 -29.78 29.29
C VAL B 42 30.83 -31.26 29.05
N GLY B 43 31.62 -31.57 28.02
CA GLY B 43 31.95 -32.94 27.68
C GLY B 43 30.77 -33.68 27.09
N SER B 44 30.37 -34.75 27.76
CA SER B 44 29.26 -35.55 27.28
C SER B 44 27.94 -34.81 27.47
N ARG B 45 28.00 -33.73 28.26
CA ARG B 45 26.82 -32.92 28.54
C ARG B 45 26.53 -31.91 27.43
N ARG B 46 27.52 -31.65 26.60
CA ARG B 46 27.33 -30.75 25.45
C ARG B 46 26.11 -31.16 24.62
N PHE B 47 25.30 -30.17 24.25
CA PHE B 47 24.07 -30.37 23.47
C PHE B 47 22.93 -31.00 24.28
N MET B 48 23.19 -31.30 25.54
CA MET B 48 22.21 -31.99 26.38
C MET B 48 21.40 -31.04 27.25
N PRO B 49 20.18 -31.46 27.63
CA PRO B 49 19.38 -30.70 28.60
C PRO B 49 20.16 -30.46 29.88
N PRO B 50 19.93 -29.31 30.52
CA PRO B 50 20.71 -28.96 31.71
C PRO B 50 20.34 -29.89 32.85
N GLU B 51 21.27 -30.07 33.79
CA GLU B 51 20.98 -30.83 34.99
C GLU B 51 21.20 -29.91 36.19
N PRO B 52 20.35 -30.05 37.21
CA PRO B 52 20.39 -29.23 38.42
C PRO B 52 21.76 -29.26 39.09
N LYS B 53 22.27 -28.10 39.48
CA LYS B 53 23.55 -28.02 40.18
C LYS B 53 23.57 -28.85 41.46
N ARG B 54 24.60 -29.69 41.63
CA ARG B 54 24.79 -30.43 42.87
C ARG B 54 25.16 -29.47 44.01
N PRO B 55 24.74 -29.81 45.23
CA PRO B 55 25.06 -29.03 46.44
C PRO B 55 26.56 -28.87 46.65
N TRP B 56 26.96 -27.81 47.37
CA TRP B 56 28.36 -27.54 47.63
C TRP B 56 28.64 -27.30 49.10
N SER B 57 29.88 -27.57 49.51
CA SER B 57 30.29 -27.37 50.90
C SER B 57 30.76 -25.94 51.09
N GLY B 58 30.85 -25.52 52.35
CA GLY B 58 31.36 -24.20 52.66
C GLY B 58 30.53 -23.04 52.14
N VAL B 59 31.19 -21.91 51.95
CA VAL B 59 30.54 -20.69 51.47
C VAL B 59 31.03 -20.35 50.07
N LEU B 60 30.14 -20.49 49.09
CA LEU B 60 30.47 -20.21 47.70
C LEU B 60 30.59 -18.71 47.43
N ASP B 61 31.69 -18.32 46.81
CA ASP B 61 31.91 -16.91 46.49
C ASP B 61 30.99 -16.46 45.36
N ALA B 62 30.05 -15.58 45.69
CA ALA B 62 29.10 -15.05 44.71
C ALA B 62 29.29 -13.55 44.55
N THR B 63 30.53 -13.12 44.31
CA THR B 63 30.84 -11.70 44.33
C THR B 63 31.31 -11.18 42.99
N THR B 64 31.35 -12.07 42.01
CA THR B 64 31.87 -11.71 40.70
C THR B 64 31.14 -12.44 39.58
N PHE B 65 31.10 -11.84 38.39
CA PHE B 65 30.44 -12.45 37.26
C PHE B 65 31.16 -13.72 36.83
N GLN B 66 30.41 -14.73 36.44
CA GLN B 66 31.01 -15.95 35.92
C GLN B 66 31.28 -15.84 34.43
N ASN B 67 31.79 -16.91 33.85
CA ASN B 67 32.15 -16.92 32.43
C ASN B 67 30.96 -16.74 31.49
N VAL B 68 31.24 -16.13 30.34
CA VAL B 68 30.27 -16.01 29.27
C VAL B 68 30.17 -17.32 28.48
N CYS B 69 28.94 -17.77 28.23
CA CYS B 69 28.72 -18.95 27.41
C CYS B 69 29.45 -18.84 26.07
N TYR B 70 30.07 -19.94 25.64
CA TYR B 70 30.92 -19.91 24.45
C TYR B 70 30.17 -19.43 23.21
N GLN B 71 30.69 -18.39 22.57
CA GLN B 71 29.97 -17.74 21.49
C GLN B 71 30.89 -16.97 20.55
N TYR B 72 30.39 -16.75 19.34
CA TYR B 72 31.04 -15.89 18.36
C TYR B 72 31.27 -14.49 18.92
N VAL B 73 32.33 -13.84 18.47
CA VAL B 73 32.63 -12.48 18.90
C VAL B 73 32.70 -11.57 17.69
N ASP B 74 31.92 -10.49 17.72
CA ASP B 74 31.81 -9.61 16.56
C ASP B 74 33.15 -8.98 16.20
N THR B 75 33.44 -8.95 14.90
CA THR B 75 34.71 -8.43 14.40
C THR B 75 34.51 -7.27 13.42
N LEU B 76 33.26 -6.99 13.06
CA LEU B 76 32.97 -6.01 12.01
C LEU B 76 33.68 -4.67 12.17
N TYR B 77 33.54 -4.04 13.34
CA TYR B 77 34.21 -2.78 13.61
C TYR B 77 35.03 -2.90 14.89
N PRO B 78 36.19 -3.56 14.81
CA PRO B 78 37.03 -3.86 15.97
C PRO B 78 37.33 -2.60 16.77
N GLY B 79 37.09 -2.64 18.07
CA GLY B 79 37.37 -1.51 18.93
C GLY B 79 36.26 -0.47 19.01
N PHE B 80 35.26 -0.60 18.15
CA PHE B 80 34.17 0.36 18.12
C PHE B 80 33.21 0.13 19.28
N GLU B 81 32.98 1.19 20.08
CA GLU B 81 32.13 1.10 21.26
C GLU B 81 30.74 0.58 20.94
N GLY B 82 30.19 1.01 19.80
CA GLY B 82 28.86 0.61 19.39
C GLY B 82 28.67 -0.90 19.30
N THR B 83 29.68 -1.61 18.83
CA THR B 83 29.58 -3.05 18.65
C THR B 83 30.20 -3.82 19.81
N GLU B 84 31.20 -3.23 20.45
CA GLU B 84 31.92 -3.92 21.52
C GLU B 84 31.05 -4.09 22.76
N MET B 85 30.13 -3.16 22.96
CA MET B 85 29.27 -3.16 24.14
C MET B 85 28.41 -4.42 24.23
N TRP B 86 28.32 -5.16 23.13
CA TRP B 86 27.54 -6.40 23.08
C TRP B 86 28.43 -7.62 23.19
N ASN B 87 29.72 -7.42 22.99
CA ASN B 87 30.68 -8.52 23.04
C ASN B 87 30.92 -9.04 24.47
N PRO B 88 31.39 -10.29 24.57
CA PRO B 88 31.65 -10.90 25.88
C PRO B 88 32.62 -10.04 26.70
N ASN B 89 32.24 -9.77 27.95
CA ASN B 89 33.11 -9.00 28.84
C ASN B 89 33.71 -9.89 29.93
N ARG B 90 33.57 -11.20 29.75
CA ARG B 90 34.23 -12.18 30.60
C ARG B 90 34.83 -13.27 29.71
N GLU B 91 35.59 -14.17 30.32
CA GLU B 91 36.18 -15.28 29.58
C GLU B 91 35.10 -16.18 29.01
N LEU B 92 35.30 -16.67 27.80
CA LEU B 92 34.38 -17.60 27.18
C LEU B 92 34.58 -19.00 27.77
N SER B 93 33.49 -19.72 27.98
CA SER B 93 33.57 -21.10 28.44
C SER B 93 32.21 -21.79 28.27
N GLU B 94 32.23 -23.09 28.04
CA GLU B 94 31.01 -23.87 27.99
C GLU B 94 30.49 -24.06 29.41
N ASP B 95 31.39 -23.91 30.38
CA ASP B 95 31.00 -23.91 31.78
C ASP B 95 30.52 -22.50 32.10
N CYS B 96 29.23 -22.25 31.92
CA CYS B 96 28.69 -20.89 31.94
C CYS B 96 27.28 -20.78 32.52
N LEU B 97 26.76 -21.85 33.06
CA LEU B 97 25.39 -21.82 33.57
C LEU B 97 25.34 -21.27 34.99
N TYR B 98 25.39 -19.94 35.08
CA TYR B 98 25.33 -19.22 36.33
C TYR B 98 24.30 -18.13 36.18
N LEU B 99 23.75 -17.67 37.30
CA LEU B 99 22.85 -16.53 37.27
C LEU B 99 23.26 -15.46 38.26
N ASN B 100 22.66 -14.28 38.13
CA ASN B 100 23.01 -13.14 38.96
C ASN B 100 21.78 -12.59 39.65
N VAL B 101 21.96 -12.11 40.89
CA VAL B 101 20.86 -11.55 41.67
C VAL B 101 21.27 -10.23 42.31
N TRP B 102 20.44 -9.20 42.11
CA TRP B 102 20.58 -7.94 42.82
C TRP B 102 19.37 -7.73 43.71
N THR B 103 19.60 -7.31 44.95
CA THR B 103 18.51 -6.91 45.82
C THR B 103 18.85 -5.58 46.46
N PRO B 104 17.87 -4.93 47.08
CA PRO B 104 18.17 -3.75 47.89
C PRO B 104 19.13 -4.12 49.01
N TYR B 105 19.93 -3.15 49.45
CA TYR B 105 20.74 -3.35 50.64
C TYR B 105 20.23 -2.40 51.73
N PRO B 106 19.68 -2.97 52.80
CA PRO B 106 19.66 -4.41 53.14
C PRO B 106 18.56 -5.18 52.43
N ARG B 107 18.61 -6.50 52.60
CA ARG B 107 17.60 -7.41 52.06
C ARG B 107 16.21 -6.90 52.37
N PRO B 108 15.32 -6.91 51.35
CA PRO B 108 13.93 -6.48 51.50
C PRO B 108 13.27 -7.08 52.74
N ALA B 109 12.49 -6.26 53.43
CA ALA B 109 11.79 -6.70 54.64
C ALA B 109 10.64 -7.63 54.31
N SER B 110 10.01 -7.41 53.16
CA SER B 110 8.88 -8.24 52.74
C SER B 110 9.13 -8.85 51.37
N PRO B 111 8.37 -9.90 51.01
CA PRO B 111 8.51 -10.53 49.69
C PRO B 111 8.39 -9.50 48.58
N THR B 112 9.44 -9.37 47.77
CA THR B 112 9.52 -8.34 46.76
C THR B 112 9.40 -8.91 45.36
N PRO B 113 8.60 -8.27 44.49
CA PRO B 113 8.45 -8.69 43.10
C PRO B 113 9.81 -8.89 42.41
N VAL B 114 9.93 -9.98 41.66
CA VAL B 114 11.17 -10.33 40.98
C VAL B 114 11.10 -10.05 39.48
N LEU B 115 12.14 -9.45 38.95
CA LEU B 115 12.27 -9.30 37.50
C LEU B 115 13.39 -10.20 37.01
N ILE B 116 13.11 -10.95 35.96
CA ILE B 116 14.11 -11.82 35.37
C ILE B 116 14.45 -11.42 33.95
N TRP B 117 15.67 -10.94 33.77
CA TRP B 117 16.16 -10.54 32.45
C TRP B 117 16.70 -11.71 31.63
N ILE B 118 16.26 -11.80 30.38
CA ILE B 118 16.81 -12.76 29.44
C ILE B 118 17.42 -12.01 28.25
N TYR B 119 18.73 -12.05 28.13
CA TYR B 119 19.43 -11.25 27.12
C TYR B 119 19.19 -11.76 25.70
N GLY B 120 19.41 -10.88 24.73
CA GLY B 120 19.33 -11.25 23.33
C GLY B 120 20.72 -11.46 22.74
N GLY B 121 20.80 -11.51 21.42
CA GLY B 121 22.04 -11.80 20.74
C GLY B 121 21.88 -12.85 19.65
N GLY B 122 20.69 -12.86 19.04
CA GLY B 122 20.40 -13.75 17.93
C GLY B 122 20.47 -15.23 18.26
N PHE B 123 20.42 -15.56 19.54
CA PHE B 123 20.58 -16.94 19.99
C PHE B 123 21.99 -17.48 19.74
N TYR B 124 22.89 -16.61 19.32
CA TYR B 124 24.27 -17.02 19.03
C TYR B 124 25.28 -16.29 19.91
N SER B 125 24.81 -15.27 20.61
CA SER B 125 25.68 -14.50 21.50
C SER B 125 24.92 -13.91 22.67
N GLY B 126 25.64 -13.19 23.53
CA GLY B 126 25.04 -12.52 24.66
C GLY B 126 25.58 -13.00 25.99
N ALA B 127 25.38 -12.19 27.03
CA ALA B 127 25.82 -12.54 28.37
C ALA B 127 25.08 -11.66 29.37
N ALA B 128 24.80 -12.22 30.54
CA ALA B 128 24.04 -11.51 31.56
C ALA B 128 24.94 -10.52 32.29
N SER B 129 26.22 -10.52 31.94
CA SER B 129 27.22 -9.72 32.65
C SER B 129 27.51 -8.39 31.97
N LEU B 130 26.87 -8.11 30.84
CA LEU B 130 27.07 -6.86 30.14
C LEU B 130 26.67 -5.66 31.00
N ASP B 131 27.32 -4.53 30.76
CA ASP B 131 27.04 -3.32 31.52
C ASP B 131 25.61 -2.82 31.35
N VAL B 132 25.07 -2.94 30.13
CA VAL B 132 23.72 -2.45 29.87
C VAL B 132 22.66 -3.26 30.62
N TYR B 133 23.05 -4.41 31.17
CA TYR B 133 22.13 -5.23 31.96
C TYR B 133 22.44 -5.12 33.45
N ASP B 134 23.17 -4.09 33.84
CA ASP B 134 23.52 -3.87 35.24
C ASP B 134 22.25 -3.64 36.07
N GLY B 135 21.98 -4.57 36.99
CA GLY B 135 20.76 -4.54 37.77
C GLY B 135 20.77 -3.71 39.05
N ARG B 136 21.85 -2.98 39.32
CA ARG B 136 21.97 -2.27 40.58
C ARG B 136 20.98 -1.11 40.68
N PHE B 137 20.72 -0.45 39.56
CA PHE B 137 19.85 0.72 39.55
C PHE B 137 18.41 0.38 39.89
N LEU B 138 17.89 -0.66 39.26
CA LEU B 138 16.53 -1.11 39.52
C LEU B 138 16.37 -1.61 40.94
N ALA B 139 17.39 -2.28 41.46
CA ALA B 139 17.37 -2.75 42.83
C ALA B 139 17.38 -1.57 43.80
N GLN B 140 18.27 -0.62 43.55
CA GLN B 140 18.45 0.52 44.44
C GLN B 140 17.24 1.44 44.41
N VAL B 141 16.94 1.96 43.23
CA VAL B 141 15.89 2.97 43.07
C VAL B 141 14.46 2.44 43.21
N GLU B 142 14.21 1.22 42.74
CA GLU B 142 12.85 0.69 42.74
C GLU B 142 12.62 -0.40 43.77
N GLY B 143 13.69 -0.83 44.43
CA GLY B 143 13.59 -1.86 45.46
C GLY B 143 13.31 -3.22 44.86
N ALA B 144 13.65 -3.38 43.59
CA ALA B 144 13.40 -4.64 42.89
C ALA B 144 14.43 -5.70 43.23
N VAL B 145 13.98 -6.95 43.28
CA VAL B 145 14.90 -8.08 43.21
C VAL B 145 15.04 -8.42 41.74
N LEU B 146 16.27 -8.38 41.23
CA LEU B 146 16.49 -8.59 39.81
C LEU B 146 17.41 -9.78 39.54
N VAL B 147 16.93 -10.70 38.73
CA VAL B 147 17.69 -11.89 38.37
C VAL B 147 18.06 -11.90 36.89
N SER B 148 19.24 -12.38 36.57
CA SER B 148 19.61 -12.63 35.18
C SER B 148 20.48 -13.87 35.08
N MET B 149 20.25 -14.68 34.06
CA MET B 149 21.01 -15.92 33.89
C MET B 149 21.78 -15.94 32.57
N ASN B 150 22.86 -16.70 32.54
CA ASN B 150 23.48 -17.05 31.29
C ASN B 150 22.76 -18.28 30.78
N TYR B 151 22.61 -18.38 29.46
CA TYR B 151 22.06 -19.58 28.87
C TYR B 151 22.85 -19.87 27.59
N ARG B 152 22.98 -21.15 27.24
CA ARG B 152 23.81 -21.54 26.11
C ARG B 152 23.32 -20.94 24.79
N VAL B 153 24.24 -20.42 24.00
CA VAL B 153 23.91 -19.88 22.70
C VAL B 153 24.59 -20.66 21.59
N GLY B 154 24.33 -20.27 20.34
CA GLY B 154 24.88 -20.96 19.19
C GLY B 154 24.60 -22.46 19.18
N THR B 155 25.56 -23.22 18.67
CA THR B 155 25.39 -24.67 18.54
C THR B 155 25.23 -25.31 19.91
N PHE B 156 25.94 -24.77 20.90
CA PHE B 156 25.91 -25.34 22.23
C PHE B 156 24.53 -25.30 22.84
N GLY B 157 23.75 -24.29 22.48
CA GLY B 157 22.42 -24.14 23.02
C GLY B 157 21.27 -24.59 22.14
N PHE B 158 21.50 -24.64 20.83
CA PHE B 158 20.39 -24.83 19.89
C PHE B 158 20.63 -25.76 18.70
N LEU B 159 21.83 -26.32 18.60
CA LEU B 159 22.05 -27.34 17.59
C LEU B 159 21.16 -28.54 17.91
N ALA B 160 20.41 -29.01 16.92
CA ALA B 160 19.44 -30.06 17.15
C ALA B 160 19.42 -31.12 16.05
N LEU B 161 19.37 -32.37 16.49
CA LEU B 161 19.02 -33.47 15.60
C LEU B 161 17.70 -33.99 16.12
N PRO B 162 16.60 -33.36 15.67
CA PRO B 162 15.26 -33.61 16.21
C PRO B 162 14.97 -35.09 16.31
N GLY B 163 14.57 -35.53 17.49
CA GLY B 163 14.23 -36.92 17.72
C GLY B 163 15.37 -37.70 18.35
N SER B 164 16.57 -37.14 18.29
CA SER B 164 17.74 -37.79 18.89
C SER B 164 17.71 -37.67 20.41
N ARG B 165 18.49 -38.50 21.09
CA ARG B 165 18.56 -38.44 22.54
C ARG B 165 19.67 -37.48 22.97
N GLU B 166 20.64 -37.30 22.08
CA GLU B 166 21.86 -36.57 22.44
C GLU B 166 21.92 -35.13 21.93
N ALA B 167 20.90 -34.72 21.18
CA ALA B 167 20.82 -33.35 20.69
C ALA B 167 19.37 -32.99 20.39
N PRO B 168 18.52 -32.93 21.43
CA PRO B 168 17.08 -32.75 21.26
C PRO B 168 16.73 -31.36 20.77
N GLY B 169 17.66 -30.42 20.94
CA GLY B 169 17.39 -29.03 20.60
C GLY B 169 16.75 -28.27 21.74
N ASN B 170 16.76 -26.93 21.64
CA ASN B 170 16.13 -26.07 22.64
C ASN B 170 16.78 -26.12 24.04
N VAL B 171 18.01 -26.60 24.14
CA VAL B 171 18.60 -26.78 25.46
C VAL B 171 18.91 -25.42 26.11
N GLY B 172 19.17 -24.42 25.28
CA GLY B 172 19.31 -23.06 25.77
C GLY B 172 18.05 -22.57 26.45
N LEU B 173 16.88 -22.89 25.89
CA LEU B 173 15.63 -22.51 26.53
C LEU B 173 15.44 -23.30 27.81
N LEU B 174 15.90 -24.54 27.83
CA LEU B 174 15.83 -25.34 29.05
C LEU B 174 16.75 -24.76 30.12
N ASP B 175 17.83 -24.12 29.70
CA ASP B 175 18.72 -23.42 30.62
C ASP B 175 17.95 -22.34 31.36
N GLN B 176 17.27 -21.49 30.58
CA GLN B 176 16.44 -20.42 31.12
C GLN B 176 15.35 -20.96 32.06
N ARG B 177 14.69 -22.04 31.63
CA ARG B 177 13.63 -22.62 32.43
C ARG B 177 14.16 -23.14 33.76
N LEU B 178 15.34 -23.74 33.73
CA LEU B 178 15.94 -24.29 34.93
C LEU B 178 16.26 -23.15 35.90
N ALA B 179 16.73 -22.04 35.35
CA ALA B 179 16.98 -20.85 36.13
C ALA B 179 15.69 -20.30 36.75
N LEU B 180 14.60 -20.30 35.98
CA LEU B 180 13.30 -19.88 36.48
C LEU B 180 12.86 -20.76 37.66
N GLN B 181 13.12 -22.05 37.56
CA GLN B 181 12.81 -22.99 38.62
C GLN B 181 13.65 -22.67 39.85
N TRP B 182 14.92 -22.36 39.60
CA TRP B 182 15.84 -22.03 40.67
C TRP B 182 15.33 -20.80 41.43
N VAL B 183 14.82 -19.82 40.69
CA VAL B 183 14.22 -18.66 41.30
C VAL B 183 13.02 -19.05 42.17
N GLN B 184 12.19 -19.95 41.66
CA GLN B 184 11.04 -20.41 42.42
C GLN B 184 11.47 -21.02 43.74
N GLU B 185 12.51 -21.84 43.70
CA GLU B 185 12.93 -22.60 44.87
C GLU B 185 13.79 -21.79 45.83
N ASN B 186 14.40 -20.71 45.35
CA ASN B 186 15.42 -20.01 46.13
C ASN B 186 15.24 -18.50 46.34
N ILE B 187 14.41 -17.85 45.52
CA ILE B 187 14.40 -16.38 45.53
C ILE B 187 13.90 -15.78 46.85
N ALA B 188 13.06 -16.53 47.56
CA ALA B 188 12.59 -16.08 48.86
C ALA B 188 13.75 -15.82 49.83
N ALA B 189 14.81 -16.61 49.72
CA ALA B 189 15.97 -16.46 50.59
C ALA B 189 16.61 -15.08 50.41
N PHE B 190 16.31 -14.43 49.30
CA PHE B 190 16.90 -13.14 48.99
C PHE B 190 15.92 -12.01 49.27
N GLY B 191 14.71 -12.38 49.69
CA GLY B 191 13.64 -11.41 49.92
C GLY B 191 12.74 -11.23 48.71
N GLY B 192 12.90 -12.10 47.72
CA GLY B 192 12.11 -12.03 46.50
C GLY B 192 10.81 -12.81 46.64
N ASP B 193 9.78 -12.37 45.91
CA ASP B 193 8.48 -13.01 45.98
C ASP B 193 8.27 -13.95 44.79
N PRO B 194 8.35 -15.26 45.04
CA PRO B 194 8.22 -16.26 43.97
C PRO B 194 6.86 -16.15 43.30
N MET B 195 5.91 -15.53 43.97
CA MET B 195 4.54 -15.46 43.44
C MET B 195 4.32 -14.23 42.58
N SER B 196 5.34 -13.39 42.46
CA SER B 196 5.33 -12.28 41.52
C SER B 196 6.63 -12.24 40.72
N VAL B 197 6.65 -12.95 39.61
CA VAL B 197 7.83 -13.04 38.78
C VAL B 197 7.52 -12.54 37.38
N THR B 198 8.27 -11.55 36.93
CA THR B 198 8.07 -10.97 35.62
C THR B 198 9.30 -11.24 34.77
N LEU B 199 9.11 -11.89 33.63
CA LEU B 199 10.19 -12.06 32.67
C LEU B 199 10.23 -10.84 31.77
N PHE B 200 11.41 -10.27 31.57
CA PHE B 200 11.59 -9.31 30.50
C PHE B 200 12.87 -9.59 29.74
N GLY B 201 12.85 -9.32 28.44
CA GLY B 201 13.96 -9.62 27.57
C GLY B 201 13.85 -8.85 26.27
N GLU B 202 14.97 -8.76 25.56
CA GLU B 202 15.02 -7.99 24.33
C GLU B 202 15.53 -8.84 23.17
N SER B 203 14.88 -8.68 22.01
CA SER B 203 15.28 -9.39 20.81
C SER B 203 15.14 -10.89 21.03
N ALA B 204 16.22 -11.64 20.84
CA ALA B 204 16.18 -13.08 21.09
C ALA B 204 15.67 -13.36 22.50
N GLY B 205 16.04 -12.49 23.44
CA GLY B 205 15.54 -12.58 24.80
C GLY B 205 14.04 -12.39 24.86
N ALA B 206 13.52 -11.46 24.06
CA ALA B 206 12.08 -11.24 23.99
C ALA B 206 11.40 -12.48 23.41
N ALA B 207 11.96 -13.00 22.33
CA ALA B 207 11.47 -14.24 21.74
C ALA B 207 11.49 -15.39 22.74
N SER B 208 12.54 -15.44 23.57
CA SER B 208 12.65 -16.49 24.58
C SER B 208 11.50 -16.38 25.57
N VAL B 209 11.30 -15.18 26.09
CA VAL B 209 10.16 -14.90 26.94
C VAL B 209 8.87 -15.36 26.27
N GLY B 210 8.71 -15.01 25.00
CA GLY B 210 7.56 -15.43 24.23
C GLY B 210 7.39 -16.94 24.24
N MET B 211 8.49 -17.65 24.09
CA MET B 211 8.43 -19.11 24.08
C MET B 211 8.11 -19.73 25.42
N HIS B 212 8.47 -19.05 26.51
CA HIS B 212 8.07 -19.54 27.83
C HIS B 212 6.57 -19.35 28.00
N ILE B 213 6.04 -18.28 27.42
CA ILE B 213 4.60 -18.06 27.39
C ILE B 213 3.90 -19.19 26.63
N LEU B 214 4.55 -19.71 25.59
CA LEU B 214 3.92 -20.70 24.71
C LEU B 214 4.30 -22.14 25.07
N SER B 215 4.92 -22.34 26.22
CA SER B 215 5.31 -23.69 26.65
C SER B 215 4.75 -24.03 28.03
N LEU B 216 3.97 -25.10 28.10
CA LEU B 216 3.25 -25.45 29.33
C LEU B 216 4.11 -25.51 30.59
N PRO B 217 5.21 -26.29 30.57
CA PRO B 217 6.05 -26.40 31.77
C PRO B 217 6.57 -25.06 32.34
N SER B 218 6.69 -24.03 31.52
CA SER B 218 7.18 -22.73 32.00
C SER B 218 6.12 -21.93 32.73
N ARG B 219 4.85 -22.22 32.42
CA ARG B 219 3.72 -21.45 32.94
C ARG B 219 3.74 -21.23 34.45
N SER B 220 4.03 -22.28 35.20
CA SER B 220 4.03 -22.19 36.65
C SER B 220 5.22 -21.40 37.20
N LEU B 221 6.07 -20.90 36.32
CA LEU B 221 7.33 -20.29 36.76
C LEU B 221 7.37 -18.75 36.67
N PHE B 222 6.31 -18.15 36.15
CA PHE B 222 6.26 -16.70 36.04
C PHE B 222 4.82 -16.25 35.89
N HIS B 223 4.58 -14.96 36.09
CA HIS B 223 3.20 -14.45 36.09
C HIS B 223 2.97 -13.37 35.05
N ARG B 224 4.05 -12.72 34.63
CA ARG B 224 3.96 -11.62 33.68
C ARG B 224 5.17 -11.59 32.76
N ALA B 225 5.02 -10.92 31.62
CA ALA B 225 6.07 -10.92 30.61
C ALA B 225 6.23 -9.56 29.93
N VAL B 226 7.46 -9.27 29.55
CA VAL B 226 7.77 -8.10 28.75
C VAL B 226 8.62 -8.56 27.59
N LEU B 227 8.18 -8.28 26.37
CA LEU B 227 8.96 -8.62 25.19
C LEU B 227 9.37 -7.34 24.50
N GLN B 228 10.65 -7.00 24.55
CA GLN B 228 11.15 -5.83 23.89
C GLN B 228 11.81 -6.21 22.56
N SER B 229 11.23 -5.76 21.45
CA SER B 229 11.85 -5.90 20.14
C SER B 229 12.12 -7.33 19.73
N GLY B 230 11.21 -8.25 20.06
CA GLY B 230 11.36 -9.64 19.68
C GLY B 230 10.14 -10.46 20.04
N THR B 231 9.91 -11.52 19.27
CA THR B 231 8.72 -12.36 19.44
C THR B 231 9.03 -13.81 19.10
N PRO B 232 8.22 -14.75 19.62
CA PRO B 232 8.41 -16.17 19.29
C PRO B 232 7.95 -16.43 17.86
N ASN B 233 6.91 -15.72 17.45
CA ASN B 233 6.45 -15.78 16.07
C ASN B 233 7.40 -14.96 15.21
N GLY B 234 7.21 -15.02 13.89
CA GLY B 234 8.05 -14.26 12.99
C GLY B 234 9.09 -15.10 12.27
N PRO B 235 9.88 -14.47 11.38
CA PRO B 235 10.75 -15.14 10.43
C PRO B 235 12.07 -15.72 10.99
N TRP B 236 12.54 -15.24 12.13
CA TRP B 236 13.90 -15.57 12.58
C TRP B 236 14.02 -16.36 13.89
N ALA B 237 12.95 -16.38 14.69
CA ALA B 237 13.04 -16.91 16.05
C ALA B 237 12.97 -18.43 16.17
N THR B 238 12.39 -19.08 15.17
CA THR B 238 12.31 -20.55 15.19
C THR B 238 12.71 -21.14 13.84
N VAL B 239 12.90 -22.45 13.82
CA VAL B 239 13.04 -23.18 12.58
C VAL B 239 12.32 -24.50 12.73
N SER B 240 12.01 -25.12 11.60
CA SER B 240 11.36 -26.42 11.58
C SER B 240 12.37 -27.49 11.99
N ALA B 241 11.86 -28.66 12.38
CA ALA B 241 12.72 -29.78 12.71
C ALA B 241 13.62 -30.10 11.52
N GLY B 242 13.05 -30.02 10.32
CA GLY B 242 13.77 -30.33 9.10
C GLY B 242 14.94 -29.40 8.85
N GLU B 243 14.70 -28.10 9.01
CA GLU B 243 15.74 -27.11 8.78
C GLU B 243 16.83 -27.19 9.85
N ALA B 244 16.44 -27.56 11.06
CA ALA B 244 17.40 -27.74 12.15
C ALA B 244 18.31 -28.92 11.87
N ARG B 245 17.70 -30.06 11.58
CA ARG B 245 18.44 -31.26 11.20
C ARG B 245 19.38 -30.95 10.03
N ARG B 246 18.88 -30.15 9.10
CA ARG B 246 19.66 -29.81 7.92
C ARG B 246 20.92 -29.03 8.27
N ARG B 247 20.76 -28.04 9.14
CA ARG B 247 21.88 -27.18 9.52
C ARG B 247 22.89 -27.90 10.41
N ALA B 248 22.38 -28.77 11.27
CA ALA B 248 23.22 -29.55 12.18
C ALA B 248 24.12 -30.49 11.39
N THR B 249 23.51 -31.25 10.47
CA THR B 249 24.26 -32.16 9.62
C THR B 249 25.30 -31.40 8.80
N LEU B 250 24.91 -30.25 8.27
CA LEU B 250 25.81 -29.46 7.47
C LEU B 250 27.00 -28.95 8.30
N LEU B 251 26.71 -28.47 9.50
CA LEU B 251 27.78 -28.00 10.38
C LEU B 251 28.71 -29.16 10.74
N ALA B 252 28.13 -30.35 10.90
CA ALA B 252 28.90 -31.53 11.24
C ALA B 252 29.84 -31.85 10.08
N ARG B 253 29.28 -31.92 8.88
CA ARG B 253 30.08 -32.13 7.69
C ARG B 253 31.21 -31.12 7.63
N LEU B 254 30.91 -29.87 7.96
CA LEU B 254 31.89 -28.79 7.87
C LEU B 254 33.06 -28.93 8.84
N VAL B 255 32.90 -29.78 9.85
CA VAL B 255 33.96 -29.98 10.83
C VAL B 255 34.41 -31.44 10.89
N GLY B 256 34.04 -32.20 9.86
CA GLY B 256 34.54 -33.55 9.68
C GLY B 256 33.73 -34.65 10.34
N CYS B 257 32.46 -34.40 10.63
CA CYS B 257 31.64 -35.37 11.32
C CYS B 257 30.43 -35.80 10.51
N ASN B 265 23.40 -41.72 11.17
CA ASN B 265 23.09 -42.07 12.54
C ASN B 265 23.41 -40.94 13.52
N ASP B 266 22.38 -40.43 14.18
CA ASP B 266 22.54 -39.29 15.08
C ASP B 266 23.66 -39.49 16.09
N THR B 267 23.55 -40.56 16.87
CA THR B 267 24.47 -40.83 17.97
C THR B 267 25.94 -40.63 17.60
N GLU B 268 26.33 -41.19 16.47
CA GLU B 268 27.72 -41.12 16.04
C GLU B 268 28.08 -39.71 15.58
N LEU B 269 27.12 -39.05 14.95
CA LEU B 269 27.36 -37.68 14.49
C LEU B 269 27.56 -36.74 15.68
N ILE B 270 26.70 -36.90 16.68
CA ILE B 270 26.77 -36.04 17.86
C ILE B 270 28.01 -36.32 18.69
N ALA B 271 28.39 -37.60 18.78
CA ALA B 271 29.61 -37.97 19.47
C ALA B 271 30.82 -37.27 18.86
N CYS B 272 30.90 -37.32 17.53
CA CYS B 272 31.99 -36.65 16.83
C CYS B 272 31.99 -35.15 17.10
N LEU B 273 30.79 -34.56 17.15
CA LEU B 273 30.66 -33.13 17.44
C LEU B 273 31.13 -32.82 18.86
N ARG B 274 30.87 -33.75 19.78
CA ARG B 274 31.28 -33.58 21.17
C ARG B 274 32.80 -33.57 21.37
N THR B 275 33.55 -33.89 20.32
CA THR B 275 35.01 -33.98 20.42
C THR B 275 35.70 -32.73 19.88
N ARG B 276 34.93 -31.85 19.25
CA ARG B 276 35.53 -30.67 18.63
C ARG B 276 35.70 -29.52 19.62
N PRO B 277 36.88 -28.88 19.61
CA PRO B 277 37.03 -27.68 20.42
C PRO B 277 35.88 -26.70 20.14
N ALA B 278 35.42 -26.00 21.16
CA ALA B 278 34.28 -25.11 21.02
C ALA B 278 34.40 -24.19 19.81
N GLN B 279 35.57 -23.60 19.63
CA GLN B 279 35.78 -22.58 18.60
C GLN B 279 35.74 -23.14 17.18
N ASP B 280 35.84 -24.46 17.04
CA ASP B 280 35.68 -25.08 15.73
C ASP B 280 34.23 -24.92 15.30
N LEU B 281 33.32 -25.31 16.19
CA LEU B 281 31.88 -25.17 15.96
C LEU B 281 31.49 -23.72 15.66
N VAL B 282 31.94 -22.80 16.51
CA VAL B 282 31.66 -21.39 16.28
C VAL B 282 32.15 -20.94 14.89
N ASP B 283 33.32 -21.42 14.49
CA ASP B 283 33.93 -21.05 13.22
C ASP B 283 33.04 -21.32 12.01
N HIS B 284 32.20 -22.35 12.08
CA HIS B 284 31.38 -22.76 10.93
C HIS B 284 29.89 -22.51 11.14
N GLU B 285 29.55 -22.11 12.36
CA GLU B 285 28.19 -21.78 12.77
C GLU B 285 27.40 -21.01 11.71
N TRP B 286 27.97 -19.90 11.28
CA TRP B 286 27.29 -18.91 10.46
C TRP B 286 27.19 -19.33 8.99
N HIS B 287 27.89 -20.39 8.63
CA HIS B 287 27.94 -20.78 7.23
C HIS B 287 26.86 -21.77 6.81
N VAL B 288 25.96 -22.09 7.74
CA VAL B 288 24.87 -23.04 7.42
C VAL B 288 23.57 -22.37 6.99
N LEU B 289 23.53 -21.04 6.98
CA LEU B 289 22.33 -20.33 6.54
C LEU B 289 22.01 -20.63 5.07
N PRO B 290 20.73 -20.89 4.78
CA PRO B 290 20.24 -21.28 3.45
C PRO B 290 20.45 -20.19 2.39
N GLN B 291 20.47 -18.92 2.80
CA GLN B 291 20.58 -17.83 1.85
C GLN B 291 21.49 -16.75 2.39
N GLU B 292 21.89 -15.82 1.51
CA GLU B 292 22.55 -14.62 1.97
C GLU B 292 21.46 -13.78 2.59
N SER B 293 21.61 -13.48 3.87
CA SER B 293 20.56 -12.80 4.59
C SER B 293 21.10 -11.86 5.65
N ILE B 294 20.21 -11.06 6.22
CA ILE B 294 20.48 -10.37 7.47
C ILE B 294 19.30 -10.69 8.37
N PHE B 295 19.42 -10.33 9.64
CA PHE B 295 18.42 -10.68 10.64
C PHE B 295 18.00 -12.14 10.56
N ARG B 296 18.98 -13.02 10.42
CA ARG B 296 18.72 -14.45 10.34
C ARG B 296 19.88 -15.21 11.00
N PHE B 297 19.55 -16.20 11.81
CA PHE B 297 20.53 -16.83 12.69
C PHE B 297 20.50 -18.35 12.58
N SER B 298 21.68 -18.96 12.70
CA SER B 298 21.87 -20.35 12.34
C SER B 298 21.25 -21.36 13.31
N PHE B 299 21.39 -21.09 14.60
CA PHE B 299 20.90 -22.04 15.60
C PHE B 299 20.01 -21.37 16.62
N VAL B 300 18.72 -21.60 16.46
CA VAL B 300 17.68 -20.94 17.23
C VAL B 300 16.73 -22.02 17.70
N PRO B 301 15.76 -21.67 18.56
CA PRO B 301 14.83 -22.69 19.02
C PRO B 301 14.21 -23.44 17.85
N VAL B 302 13.90 -24.71 18.04
CA VAL B 302 13.36 -25.54 16.98
C VAL B 302 11.96 -26.02 17.35
N VAL B 303 11.04 -26.00 16.39
CA VAL B 303 9.72 -26.52 16.65
C VAL B 303 9.85 -28.03 16.76
N ASP B 304 9.93 -28.50 18.01
CA ASP B 304 10.25 -29.90 18.30
C ASP B 304 9.02 -30.74 18.65
N GLY B 305 7.87 -30.10 18.72
CA GLY B 305 6.68 -30.77 19.21
C GLY B 305 6.81 -31.12 20.68
N ASP B 306 7.86 -30.61 21.31
CA ASP B 306 8.06 -30.83 22.74
C ASP B 306 8.03 -29.51 23.49
N PHE B 307 9.17 -28.82 23.57
CA PHE B 307 9.18 -27.52 24.22
C PHE B 307 8.12 -26.65 23.54
N LEU B 308 8.14 -26.66 22.21
CA LEU B 308 7.11 -26.04 21.40
C LEU B 308 6.26 -27.11 20.73
N SER B 309 5.05 -27.33 21.26
CA SER B 309 4.15 -28.37 20.77
C SER B 309 3.73 -28.17 19.31
N ASP B 310 3.74 -26.92 18.87
CA ASP B 310 3.45 -26.58 17.49
C ASP B 310 4.21 -25.30 17.17
N THR B 311 4.05 -24.78 15.96
CA THR B 311 4.67 -23.50 15.62
C THR B 311 4.14 -22.40 16.53
N PRO B 312 4.94 -21.35 16.74
CA PRO B 312 4.49 -20.21 17.54
C PRO B 312 3.21 -19.61 16.98
N GLU B 313 3.17 -19.41 15.67
CA GLU B 313 1.98 -18.86 15.04
C GLU B 313 0.75 -19.70 15.37
N ALA B 314 0.87 -21.02 15.20
CA ALA B 314 -0.20 -21.92 15.60
C ALA B 314 -0.59 -21.68 17.06
N LEU B 315 0.41 -21.70 17.93
CA LEU B 315 0.19 -21.60 19.37
C LEU B 315 -0.42 -20.28 19.85
N ILE B 316 -0.05 -19.16 19.22
CA ILE B 316 -0.64 -17.88 19.61
C ILE B 316 -2.03 -17.72 19.01
N ASN B 317 -2.28 -18.38 17.89
CA ASN B 317 -3.60 -18.33 17.26
C ASN B 317 -4.67 -19.08 18.06
N THR B 318 -4.25 -20.09 18.80
CA THR B 318 -5.19 -20.98 19.47
C THR B 318 -5.05 -20.95 20.99
N GLY B 319 -4.05 -20.24 21.48
CA GLY B 319 -3.79 -20.21 22.91
C GLY B 319 -4.86 -19.48 23.69
N ASP B 320 -5.03 -19.88 24.95
CA ASP B 320 -5.85 -19.12 25.89
C ASP B 320 -4.93 -18.36 26.83
N PHE B 321 -5.00 -17.04 26.79
CA PHE B 321 -4.06 -16.21 27.53
C PHE B 321 -4.75 -15.38 28.59
N GLN B 322 -5.80 -15.97 29.17
CA GLN B 322 -6.61 -15.33 30.19
C GLN B 322 -5.79 -14.80 31.36
N ASP B 323 -4.91 -15.63 31.88
CA ASP B 323 -4.24 -15.35 33.15
C ASP B 323 -3.06 -14.39 33.02
N LEU B 324 -2.91 -13.78 31.85
CA LEU B 324 -1.64 -13.18 31.47
C LEU B 324 -1.66 -11.67 31.27
N GLN B 325 -0.60 -11.00 31.72
CA GLN B 325 -0.36 -9.61 31.34
C GLN B 325 0.96 -9.50 30.60
N VAL B 326 0.97 -8.73 29.53
CA VAL B 326 2.14 -8.62 28.67
C VAL B 326 2.42 -7.16 28.29
N LEU B 327 3.69 -6.80 28.33
CA LEU B 327 4.15 -5.50 27.84
C LEU B 327 5.05 -5.73 26.63
N VAL B 328 4.68 -5.14 25.50
CA VAL B 328 5.44 -5.33 24.27
C VAL B 328 5.69 -4.00 23.59
N GLY B 329 6.78 -3.92 22.83
CA GLY B 329 7.13 -2.68 22.18
C GLY B 329 8.34 -2.80 21.28
N VAL B 330 8.63 -1.72 20.58
CA VAL B 330 9.70 -1.70 19.59
C VAL B 330 10.41 -0.37 19.68
N VAL B 331 11.57 -0.28 19.04
CA VAL B 331 12.28 0.98 18.93
C VAL B 331 11.98 1.58 17.57
N LYS B 332 12.33 2.85 17.39
CA LYS B 332 11.93 3.59 16.20
C LYS B 332 12.57 3.06 14.92
N ASP B 333 13.77 2.48 15.04
CA ASP B 333 14.52 2.06 13.85
C ASP B 333 15.07 0.65 14.00
N GLU B 334 14.18 -0.31 14.19
CA GLU B 334 14.55 -1.70 14.44
C GLU B 334 15.54 -2.25 13.41
N GLY B 335 15.50 -1.75 12.19
CA GLY B 335 16.22 -2.37 11.09
C GLY B 335 17.63 -1.87 10.78
N SER B 336 17.94 -0.64 11.16
CA SER B 336 19.19 -0.01 10.74
C SER B 336 20.43 -0.85 11.06
N TYR B 337 20.60 -1.19 12.34
CA TYR B 337 21.75 -1.95 12.81
C TYR B 337 22.13 -3.10 11.89
N PHE B 338 21.13 -3.82 11.38
CA PHE B 338 21.35 -5.05 10.63
C PHE B 338 21.85 -4.81 9.21
N LEU B 339 21.65 -3.60 8.70
CA LEU B 339 21.95 -3.32 7.30
C LEU B 339 23.45 -3.33 7.01
N VAL B 340 24.24 -2.87 7.99
CA VAL B 340 25.69 -2.80 7.80
C VAL B 340 26.35 -4.17 7.81
N TYR B 341 25.57 -5.20 8.13
CA TYR B 341 26.11 -6.56 8.21
C TYR B 341 25.78 -7.43 7.00
N GLY B 342 25.53 -6.82 5.85
CA GLY B 342 25.26 -7.62 4.67
C GLY B 342 24.68 -6.91 3.47
N VAL B 343 24.13 -5.71 3.68
CA VAL B 343 23.53 -4.98 2.57
C VAL B 343 24.51 -3.98 1.97
N PRO B 344 24.96 -4.26 0.74
CA PRO B 344 25.88 -3.39 0.00
C PRO B 344 25.34 -1.96 -0.07
N GLY B 345 26.18 -0.99 0.30
CA GLY B 345 25.77 0.40 0.32
C GLY B 345 25.66 0.93 1.74
N PHE B 346 25.57 0.04 2.71
CA PHE B 346 25.38 0.46 4.09
C PHE B 346 26.63 0.36 4.94
N SER B 347 26.90 1.43 5.67
CA SER B 347 28.09 1.54 6.51
C SER B 347 27.79 2.51 7.64
N LYS B 348 28.39 2.27 8.80
CA LYS B 348 28.24 3.18 9.92
C LYS B 348 29.06 4.44 9.69
N ASP B 349 29.89 4.42 8.65
CA ASP B 349 30.82 5.53 8.47
C ASP B 349 30.35 6.59 7.46
N ASN B 350 29.75 6.18 6.34
CA ASN B 350 29.09 7.14 5.47
C ASN B 350 27.60 7.27 5.79
N GLU B 351 26.91 8.14 5.07
CA GLU B 351 25.48 8.34 5.30
C GLU B 351 24.62 7.27 4.64
N SER B 352 25.28 6.27 4.07
CA SER B 352 24.59 5.12 3.49
C SER B 352 23.46 5.52 2.54
N LEU B 353 23.69 6.55 1.74
CA LEU B 353 22.72 6.90 0.70
C LEU B 353 22.85 5.87 -0.41
N ILE B 354 21.73 5.30 -0.81
CA ILE B 354 21.77 4.18 -1.75
C ILE B 354 20.98 4.45 -3.03
N SER B 355 21.14 3.56 -3.99
CA SER B 355 20.49 3.68 -5.28
C SER B 355 19.30 2.74 -5.31
N ARG B 356 18.42 2.94 -6.28
CA ARG B 356 17.27 2.07 -6.42
C ARG B 356 17.70 0.63 -6.66
N ALA B 357 18.81 0.46 -7.38
CA ALA B 357 19.30 -0.87 -7.70
C ALA B 357 19.80 -1.56 -6.43
N GLN B 358 20.47 -0.80 -5.58
CA GLN B 358 20.94 -1.32 -4.31
C GLN B 358 19.78 -1.64 -3.39
N PHE B 359 18.73 -0.83 -3.48
CA PHE B 359 17.53 -1.06 -2.69
C PHE B 359 16.88 -2.38 -3.04
N LEU B 360 16.79 -2.68 -4.34
CA LEU B 360 16.22 -3.95 -4.77
C LEU B 360 17.11 -5.10 -4.31
N ALA B 361 18.41 -4.90 -4.46
CA ALA B 361 19.39 -5.87 -3.97
C ALA B 361 19.21 -6.08 -2.47
N GLY B 362 19.13 -4.98 -1.72
CA GLY B 362 18.93 -5.04 -0.29
C GLY B 362 17.73 -5.89 0.10
N VAL B 363 16.62 -5.70 -0.62
CA VAL B 363 15.38 -6.41 -0.30
C VAL B 363 15.49 -7.93 -0.38
N ARG B 364 16.29 -8.45 -1.31
CA ARG B 364 16.44 -9.89 -1.47
C ARG B 364 17.23 -10.45 -0.29
N ILE B 365 18.05 -9.60 0.31
CA ILE B 365 18.87 -10.00 1.45
C ILE B 365 18.07 -9.86 2.74
N GLY B 366 17.38 -8.72 2.88
CA GLY B 366 16.54 -8.48 4.04
C GLY B 366 15.32 -9.38 4.12
N VAL B 367 14.80 -9.79 2.97
CA VAL B 367 13.70 -10.74 2.91
C VAL B 367 14.14 -11.98 2.14
N PRO B 368 15.12 -12.70 2.69
CA PRO B 368 15.82 -13.79 2.00
C PRO B 368 14.90 -14.92 1.53
N GLN B 369 13.70 -14.99 2.10
CA GLN B 369 12.79 -16.08 1.76
C GLN B 369 11.89 -15.67 0.61
N ALA B 370 11.89 -14.38 0.30
CA ALA B 370 10.96 -13.84 -0.69
C ALA B 370 11.20 -14.41 -2.08
N SER B 371 10.11 -14.84 -2.72
CA SER B 371 10.15 -15.13 -4.16
C SER B 371 10.30 -13.82 -4.89
N ASP B 372 10.49 -13.87 -6.20
CA ASP B 372 10.68 -12.67 -6.98
C ASP B 372 9.48 -11.73 -6.85
N LEU B 373 8.29 -12.32 -7.00
CA LEU B 373 7.06 -11.53 -6.97
C LEU B 373 6.85 -10.92 -5.60
N ALA B 374 7.22 -11.67 -4.56
CA ALA B 374 7.10 -11.17 -3.20
C ALA B 374 8.06 -10.01 -2.96
N ALA B 375 9.28 -10.14 -3.48
CA ALA B 375 10.28 -9.08 -3.35
C ALA B 375 9.84 -7.84 -4.12
N GLU B 376 9.19 -8.06 -5.25
CA GLU B 376 8.68 -6.96 -6.05
C GLU B 376 7.55 -6.28 -5.27
N ALA B 377 6.67 -7.09 -4.70
CA ALA B 377 5.59 -6.57 -3.87
C ALA B 377 6.15 -5.69 -2.76
N VAL B 378 7.24 -6.13 -2.14
CA VAL B 378 7.87 -5.37 -1.06
C VAL B 378 8.38 -4.03 -1.58
N VAL B 379 9.19 -4.09 -2.64
CA VAL B 379 9.78 -2.90 -3.21
C VAL B 379 8.73 -1.87 -3.59
N LEU B 380 7.67 -2.33 -4.24
CA LEU B 380 6.62 -1.42 -4.70
C LEU B 380 5.90 -0.79 -3.52
N HIS B 381 5.72 -1.57 -2.46
CA HIS B 381 5.06 -1.06 -1.27
C HIS B 381 5.91 -0.02 -0.54
N TYR B 382 7.22 -0.26 -0.48
CA TYR B 382 8.11 0.61 0.29
C TYR B 382 8.68 1.79 -0.49
N THR B 383 8.60 1.70 -1.82
CA THR B 383 9.02 2.80 -2.68
C THR B 383 8.11 4.01 -2.43
N ASP B 384 8.71 5.19 -2.40
CA ASP B 384 7.93 6.42 -2.39
C ASP B 384 7.84 6.90 -3.85
N TRP B 385 6.66 6.79 -4.43
CA TRP B 385 6.50 7.01 -5.86
C TRP B 385 6.55 8.48 -6.27
N LEU B 386 6.55 9.36 -5.29
CA LEU B 386 6.85 10.76 -5.54
C LEU B 386 8.36 10.95 -5.72
N HIS B 387 9.14 10.17 -4.98
CA HIS B 387 10.60 10.21 -5.08
C HIS B 387 11.19 8.80 -5.14
N PRO B 388 10.86 8.06 -6.20
CA PRO B 388 11.24 6.64 -6.30
C PRO B 388 12.74 6.40 -6.35
N GLU B 389 13.54 7.47 -6.45
CA GLU B 389 14.98 7.32 -6.60
C GLU B 389 15.79 8.14 -5.59
N ASP B 390 15.09 8.92 -4.76
CA ASP B 390 15.75 9.64 -3.69
C ASP B 390 16.47 8.66 -2.75
N PRO B 391 17.81 8.73 -2.73
CA PRO B 391 18.63 7.79 -1.96
C PRO B 391 18.36 7.84 -0.45
N THR B 392 17.90 8.98 0.05
CA THR B 392 17.58 9.08 1.48
C THR B 392 16.36 8.23 1.84
N HIS B 393 15.28 8.34 1.08
N HIS B 393 15.29 8.37 1.06
CA HIS B 393 14.12 7.51 1.38
CA HIS B 393 14.08 7.58 1.23
C HIS B 393 14.42 6.05 1.10
C HIS B 393 14.40 6.09 1.07
N LEU B 394 15.17 5.79 0.04
CA LEU B 394 15.51 4.42 -0.31
C LEU B 394 16.27 3.75 0.83
N ARG B 395 17.16 4.51 1.46
CA ARG B 395 17.92 4.00 2.58
C ARG B 395 17.00 3.73 3.77
N ASP B 396 16.22 4.74 4.17
CA ASP B 396 15.28 4.59 5.26
C ASP B 396 14.26 3.48 5.00
N ALA B 397 13.90 3.29 3.73
CA ALA B 397 12.95 2.25 3.37
C ALA B 397 13.56 0.87 3.62
N MET B 398 14.82 0.71 3.24
CA MET B 398 15.54 -0.54 3.42
C MET B 398 15.54 -0.92 4.90
N SER B 399 15.76 0.08 5.74
CA SER B 399 15.70 -0.11 7.18
C SER B 399 14.31 -0.58 7.62
N ALA B 400 13.31 0.22 7.24
CA ALA B 400 11.91 -0.08 7.55
C ALA B 400 11.52 -1.50 7.14
N VAL B 401 11.92 -1.91 5.93
CA VAL B 401 11.62 -3.25 5.44
C VAL B 401 12.11 -4.28 6.45
N VAL B 402 13.38 -4.17 6.81
CA VAL B 402 14.00 -5.12 7.72
C VAL B 402 13.35 -5.07 9.10
N GLY B 403 13.19 -3.85 9.63
CA GLY B 403 12.60 -3.67 10.95
C GLY B 403 11.16 -4.16 11.03
N ASP B 404 10.38 -3.85 10.01
CA ASP B 404 8.97 -4.23 9.97
C ASP B 404 8.82 -5.74 9.82
N HIS B 405 9.52 -6.28 8.85
CA HIS B 405 9.46 -7.71 8.57
C HIS B 405 9.83 -8.53 9.80
N ASN B 406 10.84 -8.08 10.54
CA ASN B 406 11.44 -8.89 11.59
C ASN B 406 10.96 -8.60 13.01
N VAL B 407 10.62 -7.35 13.30
CA VAL B 407 10.19 -7.00 14.65
C VAL B 407 8.79 -6.40 14.73
N VAL B 408 8.59 -5.24 14.10
CA VAL B 408 7.37 -4.46 14.27
C VAL B 408 6.09 -5.22 13.94
N CYS B 409 6.06 -5.88 12.79
CA CYS B 409 4.85 -6.57 12.40
C CYS B 409 4.63 -7.89 13.15
N PRO B 410 5.72 -8.62 13.42
CA PRO B 410 5.60 -9.78 14.31
C PRO B 410 5.10 -9.38 15.70
N VAL B 411 5.55 -8.23 16.19
CA VAL B 411 5.05 -7.70 17.46
C VAL B 411 3.58 -7.29 17.38
N ALA B 412 3.21 -6.65 16.27
CA ALA B 412 1.83 -6.20 16.06
C ALA B 412 0.91 -7.41 16.05
N GLN B 413 1.36 -8.47 15.39
CA GLN B 413 0.60 -9.70 15.35
C GLN B 413 0.42 -10.32 16.73
N LEU B 414 1.52 -10.49 17.45
CA LEU B 414 1.47 -11.07 18.78
C LEU B 414 0.54 -10.26 19.68
N ALA B 415 0.70 -8.93 19.66
CA ALA B 415 -0.12 -8.05 20.47
C ALA B 415 -1.60 -8.33 20.21
N GLY B 416 -1.97 -8.30 18.93
CA GLY B 416 -3.33 -8.56 18.51
C GLY B 416 -3.86 -9.91 18.96
N ARG B 417 -3.10 -10.98 18.72
CA ARG B 417 -3.53 -12.32 19.12
C ARG B 417 -3.69 -12.45 20.64
N LEU B 418 -2.75 -11.88 21.39
CA LEU B 418 -2.81 -11.96 22.85
C LEU B 418 -4.01 -11.19 23.39
N ALA B 419 -4.19 -9.98 22.90
CA ALA B 419 -5.31 -9.15 23.36
C ALA B 419 -6.62 -9.85 23.03
N ALA B 420 -6.70 -10.40 21.83
CA ALA B 420 -7.91 -11.06 21.35
C ALA B 420 -8.23 -12.34 22.13
N GLN B 421 -7.23 -12.92 22.76
CA GLN B 421 -7.43 -14.19 23.43
C GLN B 421 -7.19 -14.14 24.94
N GLY B 422 -7.63 -13.05 25.56
CA GLY B 422 -7.71 -12.99 27.01
C GLY B 422 -6.61 -12.24 27.74
N ALA B 423 -5.49 -11.99 27.05
CA ALA B 423 -4.35 -11.37 27.72
C ALA B 423 -4.54 -9.86 27.89
N ARG B 424 -4.05 -9.35 29.01
CA ARG B 424 -3.92 -7.92 29.21
C ARG B 424 -2.62 -7.48 28.54
N VAL B 425 -2.70 -6.55 27.59
CA VAL B 425 -1.54 -6.19 26.81
C VAL B 425 -1.30 -4.68 26.83
N TYR B 426 -0.04 -4.28 27.00
CA TYR B 426 0.37 -2.89 26.86
C TYR B 426 1.45 -2.79 25.80
N ALA B 427 1.39 -1.74 24.98
CA ALA B 427 2.30 -1.60 23.85
C ALA B 427 2.95 -0.22 23.77
N TYR B 428 4.21 -0.20 23.36
CA TYR B 428 4.94 1.06 23.23
C TYR B 428 5.78 1.09 21.96
N ILE B 429 6.14 2.30 21.56
CA ILE B 429 7.24 2.50 20.63
C ILE B 429 8.23 3.42 21.33
N PHE B 430 9.50 3.06 21.27
CA PHE B 430 10.56 3.79 21.95
C PHE B 430 11.28 4.67 20.93
N GLU B 431 11.25 5.98 21.16
CA GLU B 431 11.69 6.92 20.14
C GLU B 431 12.83 7.85 20.55
N HIS B 432 13.37 7.67 21.74
CA HIS B 432 14.51 8.50 22.14
C HIS B 432 15.86 7.90 21.72
N ARG B 433 16.67 8.73 21.07
CA ARG B 433 18.03 8.32 20.69
C ARG B 433 19.02 8.84 21.74
N ALA B 434 19.73 7.91 22.38
CA ALA B 434 20.69 8.25 23.43
C ALA B 434 21.64 9.37 22.99
N SER B 435 21.78 10.38 23.85
CA SER B 435 22.72 11.46 23.59
C SER B 435 24.13 10.89 23.41
N THR B 436 24.39 9.75 24.03
CA THR B 436 25.72 9.15 24.02
C THR B 436 25.91 8.07 22.96
N LEU B 437 24.99 7.96 22.00
CA LEU B 437 25.07 6.91 20.98
C LEU B 437 26.29 7.11 20.09
N THR B 438 26.99 6.02 19.77
CA THR B 438 28.19 6.09 18.96
C THR B 438 27.92 5.78 17.48
N TRP B 439 26.73 5.26 17.18
CA TRP B 439 26.35 4.98 15.79
C TRP B 439 25.92 6.27 15.08
N PRO B 440 25.98 6.27 13.74
CA PRO B 440 25.64 7.44 12.94
C PRO B 440 24.18 7.86 13.09
N LEU B 441 23.90 9.13 12.80
CA LEU B 441 22.55 9.66 12.90
C LEU B 441 21.55 8.91 12.02
N TRP B 442 22.00 8.46 10.85
CA TRP B 442 21.07 7.85 9.91
C TRP B 442 20.45 6.55 10.44
N MET B 443 21.03 6.01 11.51
CA MET B 443 20.53 4.77 12.09
C MET B 443 19.43 5.04 13.11
N GLY B 444 19.24 6.31 13.45
CA GLY B 444 18.22 6.73 14.40
C GLY B 444 18.30 6.06 15.76
N VAL B 445 17.20 5.43 16.17
CA VAL B 445 17.16 4.65 17.40
C VAL B 445 17.23 3.17 17.07
N PRO B 446 18.44 2.58 17.15
CA PRO B 446 18.63 1.21 16.66
C PRO B 446 18.23 0.11 17.65
N HIS B 447 17.96 -1.06 17.09
CA HIS B 447 17.69 -2.29 17.82
C HIS B 447 18.63 -2.43 19.03
N GLY B 448 18.07 -2.38 20.24
CA GLY B 448 18.84 -2.61 21.44
C GLY B 448 19.10 -1.39 22.31
N TYR B 449 18.82 -0.19 21.79
CA TYR B 449 19.21 1.02 22.50
C TYR B 449 18.17 1.68 23.40
N GLU B 450 17.17 0.89 23.79
CA GLU B 450 16.24 1.27 24.84
C GLU B 450 16.69 0.61 26.15
N ILE B 451 17.47 -0.46 26.03
CA ILE B 451 17.85 -1.26 27.18
C ILE B 451 18.55 -0.47 28.28
N GLU B 452 19.53 0.34 27.89
CA GLU B 452 20.30 1.12 28.85
C GLU B 452 19.41 2.07 29.65
N PHE B 453 18.29 2.48 29.05
CA PHE B 453 17.35 3.36 29.74
C PHE B 453 16.43 2.61 30.71
N ILE B 454 15.92 1.46 30.29
CA ILE B 454 15.11 0.62 31.15
C ILE B 454 15.89 0.16 32.38
N PHE B 455 17.17 -0.14 32.18
CA PHE B 455 18.01 -0.62 33.28
C PHE B 455 18.51 0.51 34.16
N GLY B 456 18.26 1.75 33.74
CA GLY B 456 18.50 2.92 34.58
C GLY B 456 19.93 3.46 34.59
N LEU B 457 20.70 3.15 33.56
CA LEU B 457 22.10 3.56 33.49
C LEU B 457 22.34 5.07 33.57
N PRO B 458 21.43 5.87 32.99
CA PRO B 458 21.68 7.32 33.07
C PRO B 458 21.71 7.87 34.50
N LEU B 459 21.26 7.09 35.47
CA LEU B 459 21.32 7.53 36.87
C LEU B 459 22.76 7.55 37.38
N ASP B 460 23.66 6.91 36.63
CA ASP B 460 25.08 6.96 36.94
C ASP B 460 25.70 8.18 36.30
N PRO B 461 26.04 9.18 37.14
CA PRO B 461 26.49 10.49 36.69
C PRO B 461 27.68 10.39 35.75
N SER B 462 28.58 9.45 36.03
CA SER B 462 29.79 9.27 35.26
C SER B 462 29.55 8.84 33.82
N LEU B 463 28.29 8.64 33.46
CA LEU B 463 27.98 8.15 32.12
C LEU B 463 27.71 9.26 31.11
N ASN B 464 27.44 10.46 31.63
CA ASN B 464 27.37 11.64 30.78
C ASN B 464 26.09 11.72 29.95
N TYR B 465 25.03 11.08 30.42
CA TYR B 465 23.71 11.29 29.85
C TYR B 465 23.23 12.66 30.33
N THR B 466 22.30 13.27 29.60
CA THR B 466 21.69 14.51 30.04
C THR B 466 20.78 14.21 31.23
N THR B 467 20.32 15.26 31.91
CA THR B 467 19.46 15.05 33.08
C THR B 467 18.03 14.78 32.63
N GLU B 468 17.68 15.23 31.43
CA GLU B 468 16.37 14.92 30.88
C GLU B 468 16.32 13.41 30.69
N GLU B 469 17.45 12.84 30.28
CA GLU B 469 17.58 11.40 30.10
C GLU B 469 17.54 10.67 31.43
N ARG B 470 18.14 11.27 32.46
CA ARG B 470 18.14 10.68 33.78
C ARG B 470 16.70 10.64 34.29
N ILE B 471 15.95 11.70 34.01
CA ILE B 471 14.53 11.77 34.37
C ILE B 471 13.73 10.76 33.54
N PHE B 472 14.10 10.64 32.27
CA PHE B 472 13.47 9.69 31.35
C PHE B 472 13.66 8.25 31.83
N ALA B 473 14.90 7.91 32.18
CA ALA B 473 15.20 6.59 32.70
C ALA B 473 14.36 6.32 33.94
N GLN B 474 14.20 7.34 34.77
CA GLN B 474 13.42 7.18 35.99
C GLN B 474 11.97 6.85 35.67
N ARG B 475 11.44 7.49 34.63
CA ARG B 475 10.09 7.20 34.18
C ARG B 475 9.97 5.75 33.72
N LEU B 476 10.94 5.30 32.93
CA LEU B 476 10.91 3.96 32.36
C LEU B 476 11.00 2.87 33.41
N MET B 477 11.91 3.05 34.36
CA MET B 477 12.06 2.09 35.45
C MET B 477 10.76 2.00 36.23
N LYS B 478 10.03 3.11 36.28
CA LYS B 478 8.73 3.13 36.95
C LYS B 478 7.70 2.30 36.20
N TYR B 479 7.61 2.51 34.89
CA TYR B 479 6.69 1.77 34.06
C TYR B 479 6.95 0.27 34.21
N TRP B 480 8.20 -0.11 33.98
CA TRP B 480 8.59 -1.51 34.02
C TRP B 480 8.31 -2.16 35.37
N THR B 481 8.72 -1.51 36.45
CA THR B 481 8.54 -2.07 37.79
C THR B 481 7.09 -2.04 38.23
N ASN B 482 6.38 -0.97 37.88
CA ASN B 482 4.95 -0.94 38.15
C ASN B 482 4.25 -2.08 37.42
N PHE B 483 4.67 -2.33 36.18
CA PHE B 483 4.13 -3.47 35.46
C PHE B 483 4.43 -4.77 36.22
N ALA B 484 5.67 -4.91 36.70
CA ALA B 484 6.06 -6.10 37.43
C ALA B 484 5.24 -6.29 38.70
N ARG B 485 5.00 -5.19 39.40
CA ARG B 485 4.23 -5.22 40.63
C ARG B 485 2.75 -5.54 40.39
N THR B 486 2.20 -5.06 39.28
CA THR B 486 0.76 -5.05 39.12
C THR B 486 0.22 -5.58 37.80
N GLY B 487 1.08 -5.66 36.79
CA GLY B 487 0.61 -5.99 35.45
C GLY B 487 0.05 -4.76 34.76
N ASP B 488 0.32 -3.60 35.35
CA ASP B 488 -0.11 -2.32 34.82
C ASP B 488 0.99 -1.29 35.00
N PRO B 489 1.57 -0.83 33.90
CA PRO B 489 2.73 0.08 33.88
C PRO B 489 2.41 1.45 34.46
N ASN B 490 1.12 1.74 34.65
CA ASN B 490 0.69 3.06 35.11
C ASN B 490 1.00 3.35 36.57
N ASP B 491 1.53 4.54 36.82
CA ASP B 491 1.85 4.99 38.17
C ASP B 491 0.56 5.22 38.97
N PRO B 492 0.39 4.49 40.08
CA PRO B 492 -0.83 4.50 40.89
C PRO B 492 -1.00 5.79 41.68
N ARG B 493 0.05 6.61 41.72
CA ARG B 493 0.00 7.90 42.41
C ARG B 493 -0.22 9.01 41.41
N ASP B 494 0.37 8.87 40.23
CA ASP B 494 0.22 9.86 39.18
C ASP B 494 -1.18 9.86 38.57
N SER B 495 -1.92 10.93 38.84
CA SER B 495 -3.14 11.23 38.09
C SER B 495 -2.82 12.31 37.07
N LYS B 496 -3.41 12.21 35.89
CA LYS B 496 -3.01 13.05 34.76
C LYS B 496 -1.62 12.61 34.30
N SER B 497 -1.49 12.28 33.01
CA SER B 497 -0.19 11.84 32.51
C SER B 497 0.04 11.93 30.99
N PRO B 498 -0.89 11.43 30.16
CA PRO B 498 -2.14 10.73 30.43
C PRO B 498 -1.85 9.28 30.76
N GLN B 499 -2.88 8.45 30.85
CA GLN B 499 -2.65 7.05 31.22
C GLN B 499 -2.23 6.23 29.99
N TRP B 500 -1.43 5.21 30.25
CA TRP B 500 -1.09 4.22 29.24
C TRP B 500 -2.24 3.22 29.12
N PRO B 501 -2.97 3.26 28.00
CA PRO B 501 -4.12 2.37 27.81
C PRO B 501 -3.67 0.98 27.39
N PRO B 502 -4.47 -0.04 27.70
CA PRO B 502 -4.16 -1.39 27.21
C PRO B 502 -4.31 -1.48 25.70
N TYR B 503 -3.43 -2.24 25.06
CA TYR B 503 -3.58 -2.52 23.65
C TYR B 503 -4.75 -3.49 23.45
N THR B 504 -5.64 -3.14 22.54
CA THR B 504 -6.79 -3.97 22.21
C THR B 504 -6.92 -4.04 20.71
N THR B 505 -7.58 -5.09 20.21
CA THR B 505 -7.76 -5.23 18.77
C THR B 505 -8.71 -4.15 18.25
N ALA B 506 -9.56 -3.63 19.13
CA ALA B 506 -10.50 -2.59 18.76
C ALA B 506 -9.81 -1.25 18.49
N ALA B 507 -9.30 -0.62 19.56
CA ALA B 507 -8.68 0.69 19.45
C ALA B 507 -7.22 0.65 19.00
N GLN B 508 -6.55 -0.48 19.21
CA GLN B 508 -5.14 -0.62 18.83
C GLN B 508 -4.25 0.49 19.37
N GLN B 509 -4.47 0.86 20.62
CA GLN B 509 -3.69 1.95 21.23
C GLN B 509 -2.35 1.49 21.81
N TYR B 510 -1.35 2.35 21.67
CA TYR B 510 -0.04 2.14 22.23
C TYR B 510 0.55 3.52 22.51
N VAL B 511 1.68 3.59 23.19
CA VAL B 511 2.21 4.89 23.56
C VAL B 511 3.64 5.08 23.04
N SER B 512 4.02 6.34 22.88
CA SER B 512 5.38 6.67 22.51
C SER B 512 6.19 6.89 23.78
N LEU B 513 7.37 6.32 23.82
CA LEU B 513 8.30 6.55 24.92
C LEU B 513 9.41 7.46 24.42
N ASN B 514 9.44 8.67 24.96
CA ASN B 514 10.48 9.64 24.63
C ASN B 514 10.51 10.73 25.70
N LEU B 515 11.24 11.81 25.44
CA LEU B 515 11.39 12.86 26.43
C LEU B 515 10.09 13.64 26.70
N LYS B 516 9.21 13.70 25.71
CA LYS B 516 7.90 14.30 25.91
C LYS B 516 7.02 13.31 26.69
N PRO B 517 5.92 13.80 27.27
CA PRO B 517 5.03 12.94 28.07
C PRO B 517 4.33 11.89 27.21
N LEU B 518 3.81 10.85 27.85
CA LEU B 518 3.11 9.80 27.11
C LEU B 518 2.13 10.37 26.11
N GLU B 519 2.21 9.86 24.89
CA GLU B 519 1.26 10.21 23.85
C GLU B 519 0.63 8.92 23.37
N VAL B 520 -0.69 8.90 23.26
CA VAL B 520 -1.40 7.71 22.83
C VAL B 520 -1.62 7.70 21.32
N ARG B 521 -1.13 6.67 20.65
CA ARG B 521 -1.34 6.52 19.21
C ARG B 521 -2.18 5.30 18.91
N ARG B 522 -2.79 5.28 17.74
CA ARG B 522 -3.61 4.13 17.37
C ARG B 522 -3.05 3.48 16.11
N GLY B 523 -2.97 2.16 16.13
CA GLY B 523 -2.51 1.41 14.98
C GLY B 523 -1.00 1.34 14.91
N LEU B 524 -0.46 0.14 15.10
CA LEU B 524 0.98 -0.05 15.06
C LEU B 524 1.39 -0.42 13.64
N ARG B 525 1.77 0.57 12.84
CA ARG B 525 1.99 0.38 11.41
C ARG B 525 0.92 -0.51 10.81
N ALA B 526 -0.34 -0.14 11.03
CA ALA B 526 -1.47 -1.02 10.71
C ALA B 526 -1.56 -1.42 9.24
N GLN B 527 -1.41 -0.46 8.33
CA GLN B 527 -1.50 -0.74 6.90
C GLN B 527 -0.35 -1.64 6.42
N THR B 528 0.87 -1.26 6.78
CA THR B 528 2.05 -1.99 6.34
C THR B 528 2.15 -3.39 6.95
N CYS B 529 1.80 -3.52 8.22
CA CYS B 529 1.85 -4.82 8.85
C CYS B 529 0.78 -5.74 8.27
N ALA B 530 -0.32 -5.15 7.84
CA ALA B 530 -1.34 -5.90 7.11
C ALA B 530 -0.76 -6.51 5.83
N PHE B 531 0.07 -5.75 5.13
CA PHE B 531 0.80 -6.30 3.98
C PHE B 531 1.64 -7.50 4.38
N TRP B 532 2.38 -7.36 5.48
CA TRP B 532 3.29 -8.40 5.95
C TRP B 532 2.56 -9.58 6.58
N ASN B 533 1.54 -9.30 7.37
CA ASN B 533 0.90 -10.34 8.17
C ASN B 533 -0.23 -11.06 7.45
N ARG B 534 -0.88 -10.37 6.51
CA ARG B 534 -2.06 -10.92 5.87
C ARG B 534 -1.83 -11.28 4.40
N PHE B 535 -1.22 -10.38 3.64
CA PHE B 535 -1.09 -10.62 2.21
C PHE B 535 0.16 -11.41 1.83
N LEU B 536 1.29 -11.04 2.42
CA LEU B 536 2.57 -11.63 2.04
C LEU B 536 2.56 -13.17 2.08
N PRO B 537 2.00 -13.75 3.15
CA PRO B 537 1.90 -15.21 3.23
C PRO B 537 1.13 -15.81 2.07
N LYS B 538 -0.05 -15.26 1.78
CA LYS B 538 -0.83 -15.70 0.63
C LYS B 538 0.01 -15.61 -0.63
N LEU B 539 0.80 -14.55 -0.75
CA LEU B 539 1.60 -14.34 -1.95
C LEU B 539 2.68 -15.40 -2.12
N LEU B 540 3.23 -15.87 -1.01
CA LEU B 540 4.29 -16.86 -1.07
C LEU B 540 3.73 -18.28 -1.16
N SER B 541 2.55 -18.49 -0.56
CA SER B 541 1.91 -19.80 -0.63
C SER B 541 1.53 -20.11 -2.06
N ALA B 542 1.45 -19.08 -2.88
CA ALA B 542 1.27 -19.24 -4.32
C ALA B 542 2.58 -18.92 -5.00
N THR B 543 3.65 -18.93 -4.22
CA THR B 543 5.01 -18.66 -4.69
C THR B 543 5.09 -17.45 -5.62
N ALA B 544 4.89 -17.55 -6.83
C1 K27 C . -24.76 2.54 -16.14
C5A K27 C . -22.80 6.29 -16.13
O10 K27 C . -21.90 9.87 -16.10
N9 K27 C . -22.64 8.69 -16.13
C8 K27 C . -22.06 7.58 -16.10
C4 K27 C . -22.27 5.19 -15.47
C3 K27 C . -22.95 3.98 -15.49
N2 K27 C . -24.10 3.85 -16.17
C7 K27 C . -24.63 4.89 -16.83
C6 K27 C . -23.99 6.13 -16.83
C2 K27 C . -24.35 1.72 -17.34
C5 K27 C . -24.92 0.31 -17.26
N8 K27 C . -24.54 -0.35 -18.51
C9 K27 C . -23.40 -1.05 -18.54
C10 K27 C . -22.99 -1.70 -19.69
C11 K27 C . -23.79 -1.62 -20.83
C12 K27 C . -24.97 -0.90 -20.77
C13 K27 C . -25.34 -0.27 -19.59
C14 K27 C . -23.35 -2.31 -22.09
N15 K27 C . -24.26 -2.85 -22.91
O3 K27 C . -22.17 -2.31 -22.36
C1 NAG D . -30.20 1.32 0.08
C2 NAG D . -30.06 0.24 1.15
C3 NAG D . -29.49 -1.05 0.60
C4 NAG D . -30.25 -1.47 -0.65
C5 NAG D . -30.28 -0.33 -1.65
C6 NAG D . -31.08 -0.72 -2.89
C7 NAG D . -29.75 0.85 3.48
C8 NAG D . -31.20 0.53 3.65
N2 NAG D . -29.25 0.71 2.25
O3 NAG D . -29.57 -2.08 1.56
O4 NAG D . -29.63 -2.59 -1.23
O5 NAG D . -30.85 0.84 -1.07
O6 NAG D . -32.39 -1.08 -2.51
O7 NAG D . -29.07 1.23 4.43
C1 NAG E . -34.69 27.22 -10.46
C2 NAG E . -35.52 26.17 -11.19
C3 NAG E . -36.99 26.56 -11.29
C4 NAG E . -37.52 27.02 -9.95
C5 NAG E . -36.62 28.09 -9.36
C6 NAG E . -37.13 28.54 -8.00
C7 NAG E . -34.34 24.83 -12.82
C8 NAG E . -34.00 24.62 -14.27
N2 NAG E . -34.97 25.95 -12.51
O3 NAG E . -37.74 25.45 -11.74
O4 NAG E . -38.82 27.52 -10.10
O5 NAG E . -35.29 27.62 -9.24
O6 NAG E . -37.22 27.42 -7.14
O7 NAG E . -34.04 23.99 -11.98
BR BR F . -21.79 -0.04 -15.43
C8 P4G G . 0.17 18.16 -38.96
C7 P4G G . 0.65 17.46 -37.68
O4 P4G G . -0.30 17.69 -36.63
C6 P4G G . 0.30 17.64 -35.32
C5 P4G G . 0.33 16.22 -34.74
O3 P4G G . -0.93 15.99 -34.09
C4 P4G G . -1.13 14.69 -33.55
C3 P4G G . 0.16 14.00 -33.11
O2 P4G G . -0.21 12.90 -32.27
C2 P4G G . 0.90 12.09 -31.89
C1 P4G G . 0.57 10.63 -32.13
C CO3 H . -27.04 -6.78 -17.09
O1 CO3 H . -25.95 -6.75 -16.37
O2 CO3 H . -27.16 -7.68 -18.02
O3 CO3 H . -28.00 -5.94 -16.86
C1 K27 I . 25.21 -8.77 13.29
C5A K27 I . 22.98 -6.72 16.26
O10 K27 I . 21.78 -4.58 19.01
N9 K27 I . 22.62 -5.24 18.11
C8 K27 I . 22.14 -6.00 17.24
C4 K27 I . 22.44 -7.02 15.01
C3 K27 I . 23.21 -7.68 14.07
N2 K27 I . 24.46 -8.07 14.35
C7 K27 I . 25.02 -7.78 15.53
C6 K27 I . 24.30 -7.11 16.52
C2 K27 I . 25.24 -10.26 13.58
C5 K27 I . 25.71 -11.03 12.35
N8 K27 I . 25.53 -12.45 12.60
C9 K27 I . 24.52 -13.08 12.00
C10 K27 I . 24.31 -14.45 12.20
C11 K27 I . 25.15 -15.15 13.05
C12 K27 I . 26.21 -14.47 13.65
C13 K27 I . 26.38 -13.11 13.41
C14 K27 I . 24.92 -16.62 13.26
N15 K27 I . 25.95 -17.41 13.53
O3 K27 I . 23.76 -17.03 13.21
BR BR J . 22.50 -10.09 10.79
C1 PEG K . 7.26 -32.55 15.50
O1 PEG K . 8.44 -32.98 14.81
C2 PEG K . 6.84 -31.19 14.92
O2 PEG K . 5.76 -30.67 15.71
C3 PEG K . 4.68 -30.22 14.91
C4 PEG K . 3.48 -31.16 15.11
O4 PEG K . 2.27 -30.46 14.78
O1 PE4 L . 1.26 3.67 4.84
C1 PE4 L . 1.03 2.51 4.03
C2 PE4 L . 2.05 2.46 2.90
O2 PE4 L . 1.47 1.76 1.79
C3 PE4 L . 2.27 1.89 0.61
C4 PE4 L . 1.35 1.77 -0.61
O3 PE4 L . 1.55 0.52 -1.25
C5 PE4 L . 1.26 0.59 -2.65
C6 PE4 L . 2.43 -0.03 -3.38
O4 PE4 L . 1.95 -1.04 -4.28
C7 PE4 L . 2.62 -2.27 -4.07
C8 PE4 L . 1.75 -3.06 -3.10
O5 PE4 L . 1.84 -4.46 -3.28
C9 PE4 L . 0.53 -5.00 -3.22
C10 PE4 L . 0.37 -5.81 -1.95
O6 PE4 L . -0.91 -5.49 -1.40
C11 PE4 L . -0.96 -5.78 0.01
C12 PE4 L . -2.10 -5.00 0.63
O7 PE4 L . -1.65 -4.38 1.84
C13 PE4 L . -1.08 -3.10 1.54
C14 PE4 L . -1.71 -1.97 2.33
O8 PE4 L . -1.41 -0.74 1.65
C15 PE4 L . -2.40 0.27 1.85
C8 P4G M . 4.55 7.94 1.80
C7 P4G M . 4.50 6.41 1.92
O4 P4G M . 5.55 5.83 1.15
C6 P4G M . 5.60 4.40 1.25
C5 P4G M . 5.99 3.97 2.66
O3 P4G M . 7.41 3.94 2.76
C4 P4G M . 7.87 3.21 3.90
C3 P4G M . 8.16 4.14 5.07
O2 P4G M . 9.55 4.44 5.16
C2 P4G M . 9.79 5.50 6.09
C1 P4G M . 10.49 6.69 5.44
C8 P4G N . 0.57 -21.20 39.00
C7 P4G N . 0.22 -20.43 37.74
O4 P4G N . 0.82 -19.14 37.75
C6 P4G N . 0.23 -18.25 36.80
C5 P4G N . 1.12 -18.09 35.57
O3 P4G N . 0.39 -18.10 34.33
C4 P4G N . 1.31 -18.01 33.24
C3 P4G N . 0.61 -17.61 31.94
O2 P4G N . 1.05 -18.51 30.91
C2 P4G N . 0.52 -18.19 29.62
C1 P4G N . -0.97 -18.50 29.58
C CO3 O . 27.84 -14.67 6.47
O1 CO3 O . 29.00 -14.40 7.01
O2 CO3 O . 27.52 -15.91 6.22
O3 CO3 O . 27.01 -13.72 6.17
#